data_6D5M
#
_entry.id   6D5M
#
_cell.length_a   183.134
_cell.length_b   183.134
_cell.length_c   178.329
_cell.angle_alpha   90.00
_cell.angle_beta   90.00
_cell.angle_gamma   90.00
#
_symmetry.space_group_name_H-M   'I 4 2 2'
#
loop_
_entity.id
_entity.type
_entity.pdbx_description
1 polymer 'GTPase HRas'
2 polymer 'GTPase HRas'
3 polymer 'Son of sevenless homolog 1'
4 non-polymer 'MAGNESIUM ION'
5 non-polymer 'PHOSPHOAMINOPHOSPHONIC ACID-GUANYLATE ESTER'
6 non-polymer 1-[(3-chloro-4-fluorophenyl)methyl]-5,6-dimethyl-2-(piperazin-1-yl)-1H-benzimidazole
7 water water
#
loop_
_entity_poly.entity_id
_entity_poly.type
_entity_poly.pdbx_seq_one_letter_code
_entity_poly.pdbx_strand_id
1 'polypeptide(L)'
;GMTEYKLVVVGAGGVGKSALTIQLIQNHFVDEYDPTIEDSYRKQVVIDGETCLLDILDTAGQEEASAMRDQYMRTGEGFL
CVFAINNTKSFEDIHQYREQIKRVKDSDDVPMVLVGNKCDLAARTVESRQAQDLARSYGIPYIETSAKTRQGVEDAFYTL
VREIRQH
;
Q
2 'polypeptide(L)'
;GMTEYKLVVVGAGGVGKSALTIQLIQNHFVDEYDPTIEDSYRKQVVIDGETCLLDILDTAGQEEYSAMRDQYMRTGEGFL
CVFAINNTKSFEDIHQYREQIKRVKDSDDVPMVLVGNKCDLAARTVESRQAQDLARSYGIPYIETSAKTRQGVEDAFYTL
VREIRQH
;
R
3 'polypeptide(L)'
;GQMRLPSADVYRFAEPDSEENIIFEENMQPKAGIPIIKAGTVIKLIERLTYHMYADPNFVRTFLTTYRSFCKPQELLSLI
IERFEIPEPEPTEADRIAIENGDQPLSAELKRFRKEYIQPVQLRVLNVCRHWVEHHFYDFERDAYLLQRMEEFIGTVRGK
AMKKWVESITKIIQRKKIARDNGPGHNITFQSSPPTVEWHISRPGHIETFDLLTLHPIEIARQLTLLESDLYRAVQPSEL
VGSVWTKEDKEINSPNLLKMIRHTTNLTLWFEKCIVETENLEERVAVVSRIIEILQVFQELNNFNGVLEVVSAMNSSPVY
RLDHTFEQIPSRQKKILEEAHELSEDHYKKYLAKLRSINPPCVPFFGIYLTNILKTEEGNPEVLKRHGKELINFSKRRKV
AEITGEIQQYQNQPYCLRVESDIKRFFENLNPMGNSMEKEFTDYLFNKSLEIEPRNPKPLPRFPKKYSYPLKSPGVRPSN
PR
;
S
#
# COMPACT_ATOMS: atom_id res chain seq x y z
N MET A 2 -6.64 -15.40 6.55
CA MET A 2 -7.08 -15.56 5.18
C MET A 2 -6.17 -16.50 4.38
N THR A 3 -6.77 -17.39 3.61
CA THR A 3 -6.00 -18.29 2.78
C THR A 3 -5.59 -17.59 1.51
N GLU A 4 -4.40 -17.89 1.03
CA GLU A 4 -3.90 -17.37 -0.22
C GLU A 4 -4.05 -18.41 -1.35
N TYR A 5 -4.54 -17.98 -2.51
CA TYR A 5 -4.77 -18.88 -3.65
C TYR A 5 -4.01 -18.42 -4.88
N LYS A 6 -3.25 -19.33 -5.48
CA LYS A 6 -2.48 -19.01 -6.68
C LYS A 6 -3.21 -19.42 -7.95
N LEU A 7 -3.82 -18.45 -8.63
CA LEU A 7 -4.55 -18.72 -9.87
C LEU A 7 -3.70 -18.35 -11.05
N VAL A 8 -3.81 -19.14 -12.11
CA VAL A 8 -3.08 -18.89 -13.34
C VAL A 8 -4.06 -18.85 -14.50
N VAL A 9 -3.98 -17.81 -15.31
CA VAL A 9 -4.85 -17.69 -16.47
C VAL A 9 -4.09 -18.03 -17.75
N VAL A 10 -4.53 -19.08 -18.46
CA VAL A 10 -3.84 -19.57 -19.67
C VAL A 10 -4.77 -19.72 -20.88
N GLY A 11 -4.19 -19.79 -22.08
CA GLY A 11 -4.96 -19.90 -23.31
C GLY A 11 -4.30 -19.15 -24.46
N ALA A 12 -4.80 -19.35 -25.66
CA ALA A 12 -4.19 -18.80 -26.87
C ALA A 12 -4.13 -17.27 -26.84
N GLY A 13 -3.24 -16.71 -27.65
CA GLY A 13 -3.10 -15.27 -27.72
C GLY A 13 -4.38 -14.60 -28.16
N GLY A 14 -4.74 -13.51 -27.49
CA GLY A 14 -5.87 -12.71 -27.90
C GLY A 14 -7.24 -13.17 -27.45
N VAL A 15 -7.31 -14.21 -26.63
CA VAL A 15 -8.64 -14.72 -26.23
C VAL A 15 -9.27 -13.87 -25.13
N GLY A 16 -8.48 -13.02 -24.48
CA GLY A 16 -8.99 -12.08 -23.50
C GLY A 16 -8.60 -12.40 -22.06
N LYS A 17 -7.49 -13.10 -21.89
CA LYS A 17 -6.99 -13.44 -20.57
C LYS A 17 -6.73 -12.19 -19.73
N SER A 18 -6.04 -11.22 -20.31
CA SER A 18 -5.73 -9.99 -19.60
C SER A 18 -6.98 -9.16 -19.36
N ALA A 19 -7.85 -9.06 -20.36
CA ALA A 19 -9.09 -8.31 -20.19
C ALA A 19 -9.95 -8.90 -19.07
N LEU A 20 -10.02 -10.22 -19.01
CA LEU A 20 -10.78 -10.87 -17.96
C LEU A 20 -10.21 -10.52 -16.59
N THR A 21 -8.88 -10.61 -16.48
CA THR A 21 -8.21 -10.37 -15.20
C THR A 21 -8.35 -8.92 -14.74
N ILE A 22 -8.16 -7.97 -15.66
CA ILE A 22 -8.28 -6.57 -15.31
C ILE A 22 -9.74 -6.18 -15.01
N GLN A 23 -10.69 -6.80 -15.69
CA GLN A 23 -12.11 -6.61 -15.37
C GLN A 23 -12.36 -7.06 -13.92
N LEU A 24 -11.84 -8.22 -13.54
CA LEU A 24 -11.98 -8.69 -12.16
C LEU A 24 -11.31 -7.76 -11.15
N ILE A 25 -10.10 -7.31 -11.45
CA ILE A 25 -9.29 -6.58 -10.50
C ILE A 25 -9.75 -5.13 -10.34
N GLN A 26 -10.07 -4.49 -11.47
CA GLN A 26 -10.31 -3.05 -11.51
C GLN A 26 -11.70 -2.64 -12.01
N ASN A 27 -12.53 -3.61 -12.37
CA ASN A 27 -13.85 -3.33 -12.94
C ASN A 27 -13.77 -2.47 -14.20
N HIS A 28 -12.71 -2.70 -14.98
CA HIS A 28 -12.44 -1.89 -16.16
C HIS A 28 -12.19 -2.81 -17.37
N PHE A 29 -12.76 -2.46 -18.53
CA PHE A 29 -12.52 -3.25 -19.74
C PHE A 29 -11.42 -2.65 -20.60
N VAL A 30 -10.40 -3.45 -20.88
CA VAL A 30 -9.28 -3.02 -21.71
C VAL A 30 -9.59 -3.28 -23.18
N ASP A 31 -9.62 -2.21 -23.97
CA ASP A 31 -9.95 -2.35 -25.39
C ASP A 31 -8.74 -2.67 -26.24
N GLU A 32 -7.57 -2.26 -25.77
CA GLU A 32 -6.33 -2.48 -26.49
C GLU A 32 -5.92 -3.94 -26.39
N TYR A 33 -5.14 -4.38 -27.37
CA TYR A 33 -4.59 -5.73 -27.41
C TYR A 33 -3.07 -5.61 -27.26
N ASP A 34 -2.60 -5.64 -26.03
CA ASP A 34 -1.17 -5.57 -25.72
C ASP A 34 -0.72 -6.95 -25.24
N PRO A 35 -0.08 -7.72 -26.12
CA PRO A 35 0.32 -9.09 -25.77
C PRO A 35 1.14 -9.15 -24.47
N THR A 36 0.68 -10.00 -23.56
CA THR A 36 1.29 -10.16 -22.26
C THR A 36 2.56 -10.99 -22.34
N ILE A 37 3.52 -10.71 -21.46
CA ILE A 37 4.65 -11.60 -21.29
C ILE A 37 4.41 -12.39 -20.02
N GLU A 38 4.28 -11.70 -18.89
CA GLU A 38 3.74 -12.27 -17.66
C GLU A 38 3.45 -11.17 -16.65
N ASP A 39 2.19 -11.11 -16.21
CA ASP A 39 1.74 -10.12 -15.23
C ASP A 39 1.17 -10.82 -14.00
N SER A 40 1.22 -10.12 -12.86
CA SER A 40 0.75 -10.64 -11.60
C SER A 40 -0.20 -9.63 -10.93
N TYR A 41 -1.28 -10.13 -10.34
CA TYR A 41 -2.25 -9.29 -9.64
C TYR A 41 -2.66 -9.90 -8.29
N ARG A 42 -3.06 -9.07 -7.34
CA ARG A 42 -3.61 -9.57 -6.10
C ARG A 42 -5.00 -8.98 -5.83
N LYS A 43 -5.86 -9.78 -5.22
CA LYS A 43 -7.20 -9.34 -4.88
C LYS A 43 -7.67 -10.02 -3.61
N GLN A 44 -7.92 -9.22 -2.59
CA GLN A 44 -8.61 -9.68 -1.39
C GLN A 44 -10.10 -9.66 -1.65
N VAL A 45 -10.76 -10.77 -1.34
CA VAL A 45 -12.18 -10.90 -1.65
C VAL A 45 -12.82 -11.97 -0.76
N VAL A 46 -14.07 -11.73 -0.36
CA VAL A 46 -14.76 -12.70 0.46
C VAL A 46 -15.55 -13.64 -0.45
N ILE A 47 -15.26 -14.93 -0.33
CA ILE A 47 -15.92 -15.94 -1.15
C ILE A 47 -16.56 -16.98 -0.25
N ASP A 48 -17.85 -17.23 -0.44
CA ASP A 48 -18.60 -18.15 0.43
C ASP A 48 -18.33 -17.83 1.90
N GLY A 49 -18.30 -16.54 2.23
CA GLY A 49 -18.16 -16.10 3.60
C GLY A 49 -16.76 -16.14 4.16
N GLU A 50 -15.78 -16.53 3.35
CA GLU A 50 -14.39 -16.58 3.79
C GLU A 50 -13.52 -15.61 3.03
N THR A 51 -12.74 -14.82 3.74
CA THR A 51 -11.82 -13.90 3.10
C THR A 51 -10.64 -14.63 2.46
N CYS A 52 -10.45 -14.40 1.16
CA CYS A 52 -9.39 -15.03 0.36
C CYS A 52 -8.42 -13.97 -0.14
N LEU A 53 -7.15 -14.32 -0.25
CA LEU A 53 -6.21 -13.51 -1.01
C LEU A 53 -5.88 -14.21 -2.33
N LEU A 54 -6.35 -13.65 -3.44
CA LEU A 54 -6.11 -14.25 -4.75
C LEU A 54 -4.82 -13.69 -5.36
N ASP A 55 -3.88 -14.56 -5.69
CA ASP A 55 -2.73 -14.21 -6.53
C ASP A 55 -3.00 -14.66 -7.95
N ILE A 56 -3.07 -13.73 -8.87
CA ILE A 56 -3.47 -14.11 -10.22
C ILE A 56 -2.34 -13.87 -11.20
N LEU A 57 -1.87 -14.96 -11.79
CA LEU A 57 -0.85 -14.91 -12.83
C LEU A 57 -1.49 -14.87 -14.21
N ASP A 58 -1.22 -13.79 -14.94
CA ASP A 58 -1.73 -13.58 -16.27
C ASP A 58 -0.62 -13.89 -17.26
N THR A 59 -0.80 -14.91 -18.08
CA THR A 59 0.31 -15.44 -18.87
C THR A 59 0.25 -15.07 -20.35
N ALA A 60 1.29 -15.46 -21.07
CA ALA A 60 1.44 -15.15 -22.49
C ALA A 60 0.79 -16.21 -23.35
N GLY A 61 -0.09 -15.79 -24.25
CA GLY A 61 -0.66 -16.70 -25.22
C GLY A 61 0.08 -16.75 -26.54
N GLN A 62 0.91 -15.76 -26.84
CA GLN A 62 1.60 -15.76 -28.13
C GLN A 62 2.53 -16.96 -28.22
N GLU A 63 2.55 -17.62 -29.38
CA GLU A 63 3.29 -18.86 -29.55
C GLU A 63 4.79 -18.67 -29.31
N GLU A 64 5.29 -17.47 -29.57
CA GLU A 64 6.71 -17.18 -29.36
C GLU A 64 7.10 -17.34 -27.90
N ALA A 65 6.13 -17.37 -27.00
CA ALA A 65 6.45 -17.56 -25.59
C ALA A 65 6.20 -19.00 -25.11
N SER A 66 5.92 -19.92 -26.04
CA SER A 66 5.46 -21.26 -25.68
C SER A 66 6.49 -22.11 -24.92
N ALA A 67 7.75 -21.70 -24.94
CA ALA A 67 8.78 -22.48 -24.26
C ALA A 67 8.95 -22.08 -22.80
N MET A 68 8.13 -21.17 -22.32
CA MET A 68 8.35 -20.61 -21.00
C MET A 68 7.24 -20.90 -19.99
N ARG A 69 6.49 -21.97 -20.23
CA ARG A 69 5.29 -22.25 -19.45
C ARG A 69 5.49 -23.13 -18.22
N ASP A 70 6.43 -24.06 -18.28
CA ASP A 70 6.66 -24.97 -17.16
C ASP A 70 6.78 -24.23 -15.82
N GLN A 71 7.54 -23.13 -15.83
CA GLN A 71 7.85 -22.40 -14.61
C GLN A 71 6.59 -21.89 -13.90
N TYR A 72 5.65 -21.31 -14.63
CA TYR A 72 4.43 -20.86 -13.95
C TYR A 72 3.44 -22.00 -13.68
N MET A 73 3.51 -23.07 -14.44
CA MET A 73 2.59 -24.17 -14.22
C MET A 73 2.94 -24.88 -12.93
N ARG A 74 4.21 -24.88 -12.59
CA ARG A 74 4.65 -25.51 -11.34
C ARG A 74 4.09 -24.78 -10.13
N THR A 75 4.04 -23.46 -10.18
CA THR A 75 3.64 -22.67 -9.02
C THR A 75 2.12 -22.55 -8.87
N GLY A 76 1.40 -22.58 -9.99
CA GLY A 76 -0.05 -22.41 -9.93
C GLY A 76 -0.78 -23.50 -9.17
N GLU A 77 -1.80 -23.10 -8.41
CA GLU A 77 -2.66 -24.07 -7.73
C GLU A 77 -3.89 -24.39 -8.55
N GLY A 78 -4.29 -23.46 -9.41
CA GLY A 78 -5.50 -23.61 -10.19
C GLY A 78 -5.40 -22.86 -11.50
N PHE A 79 -6.05 -23.37 -12.53
CA PHE A 79 -5.91 -22.79 -13.86
C PHE A 79 -7.24 -22.46 -14.51
N LEU A 80 -7.33 -21.23 -15.00
CA LEU A 80 -8.40 -20.80 -15.87
C LEU A 80 -7.96 -21.02 -17.30
N CYS A 81 -8.58 -21.98 -17.97
CA CYS A 81 -8.25 -22.30 -19.35
C CYS A 81 -9.20 -21.58 -20.29
N VAL A 82 -8.71 -20.53 -20.92
CA VAL A 82 -9.58 -19.62 -21.65
C VAL A 82 -9.45 -19.81 -23.16
N PHE A 83 -10.59 -19.87 -23.84
CA PHE A 83 -10.63 -19.74 -25.29
C PHE A 83 -11.67 -18.67 -25.61
N ALA A 84 -11.72 -18.23 -26.86
CA ALA A 84 -12.74 -17.26 -27.26
C ALA A 84 -13.78 -17.96 -28.13
N ILE A 85 -15.05 -17.70 -27.87
CA ILE A 85 -16.10 -18.47 -28.53
C ILE A 85 -16.28 -18.09 -30.00
N ASN A 86 -15.56 -17.06 -30.44
CA ASN A 86 -15.55 -16.72 -31.87
C ASN A 86 -14.23 -17.11 -32.52
N ASN A 87 -13.47 -17.98 -31.87
CA ASN A 87 -12.19 -18.42 -32.41
C ASN A 87 -11.96 -19.92 -32.20
N THR A 88 -12.21 -20.69 -33.26
CA THR A 88 -12.16 -22.15 -33.18
C THR A 88 -10.77 -22.66 -32.86
N LYS A 89 -9.76 -22.02 -33.43
CA LYS A 89 -8.39 -22.41 -33.19
C LYS A 89 -8.04 -22.29 -31.70
N SER A 90 -8.50 -21.23 -31.04
CA SER A 90 -8.23 -21.07 -29.61
C SER A 90 -8.86 -22.21 -28.81
N PHE A 91 -10.03 -22.68 -29.24
CA PHE A 91 -10.67 -23.81 -28.60
C PHE A 91 -9.85 -25.08 -28.80
N GLU A 92 -9.34 -25.27 -30.01
CA GLU A 92 -8.46 -26.41 -30.28
C GLU A 92 -7.15 -26.34 -29.50
N ASP A 93 -6.67 -25.13 -29.24
CA ASP A 93 -5.46 -24.96 -28.43
C ASP A 93 -5.63 -25.35 -26.95
N ILE A 94 -6.87 -25.38 -26.46
CA ILE A 94 -7.15 -25.70 -25.05
C ILE A 94 -6.54 -27.02 -24.62
N HIS A 95 -6.72 -28.05 -25.43
CA HIS A 95 -6.27 -29.38 -25.03
C HIS A 95 -4.76 -29.42 -24.81
N GLN A 96 -4.01 -28.61 -25.54
CA GLN A 96 -2.56 -28.54 -25.34
C GLN A 96 -2.19 -27.99 -23.97
N TYR A 97 -2.90 -26.95 -23.53
CA TYR A 97 -2.69 -26.41 -22.20
C TYR A 97 -3.06 -27.42 -21.12
N ARG A 98 -4.21 -28.06 -21.27
CA ARG A 98 -4.65 -29.07 -20.31
CA ARG A 98 -4.64 -29.06 -20.29
C ARG A 98 -3.61 -30.16 -20.13
N GLU A 99 -3.07 -30.65 -21.24
CA GLU A 99 -2.11 -31.74 -21.19
C GLU A 99 -0.77 -31.30 -20.59
N GLN A 100 -0.31 -30.10 -20.93
CA GLN A 100 0.95 -29.64 -20.37
C GLN A 100 0.82 -29.45 -18.87
N ILE A 101 -0.31 -28.89 -18.42
CA ILE A 101 -0.48 -28.68 -16.99
C ILE A 101 -0.43 -30.01 -16.25
N LYS A 102 -1.18 -30.99 -16.75
CA LYS A 102 -1.16 -32.33 -16.18
C LYS A 102 0.24 -32.91 -16.12
N ARG A 103 1.00 -32.74 -17.20
N ARG A 103 0.98 -32.71 -17.21
CA ARG A 103 2.38 -33.24 -17.23
CA ARG A 103 2.36 -33.17 -17.33
C ARG A 103 3.24 -32.56 -16.17
C ARG A 103 3.25 -32.57 -16.24
N VAL A 104 3.30 -31.24 -16.23
CA VAL A 104 4.14 -30.48 -15.30
C VAL A 104 3.86 -30.79 -13.83
N LYS A 105 2.59 -30.82 -13.47
CA LYS A 105 2.24 -31.02 -12.07
C LYS A 105 2.09 -32.51 -11.78
N ASP A 106 2.32 -33.34 -12.79
CA ASP A 106 2.26 -34.81 -12.69
C ASP A 106 1.00 -35.24 -11.94
N SER A 107 -0.15 -34.84 -12.47
CA SER A 107 -1.42 -35.09 -11.82
C SER A 107 -2.55 -35.06 -12.80
N ASP A 108 -3.54 -35.90 -12.55
CA ASP A 108 -4.77 -35.93 -13.33
C ASP A 108 -5.85 -35.11 -12.63
N ASP A 109 -5.49 -34.59 -11.46
CA ASP A 109 -6.45 -33.96 -10.55
C ASP A 109 -6.13 -32.48 -10.26
N VAL A 110 -5.92 -31.68 -11.29
CA VAL A 110 -5.55 -30.28 -11.11
C VAL A 110 -6.78 -29.40 -11.22
N PRO A 111 -7.01 -28.52 -10.22
CA PRO A 111 -8.14 -27.60 -10.28
C PRO A 111 -8.13 -26.74 -11.53
N MET A 112 -9.22 -26.76 -12.29
CA MET A 112 -9.30 -26.00 -13.53
C MET A 112 -10.72 -25.61 -13.82
N VAL A 113 -10.86 -24.53 -14.57
CA VAL A 113 -12.15 -24.14 -15.10
C VAL A 113 -11.95 -23.82 -16.57
N LEU A 114 -12.86 -24.33 -17.40
CA LEU A 114 -12.87 -24.01 -18.82
C LEU A 114 -13.68 -22.74 -19.04
N VAL A 115 -13.08 -21.75 -19.68
CA VAL A 115 -13.74 -20.46 -19.88
C VAL A 115 -13.89 -20.13 -21.36
N GLY A 116 -15.12 -19.92 -21.79
CA GLY A 116 -15.37 -19.48 -23.16
C GLY A 116 -15.64 -17.98 -23.14
N ASN A 117 -14.63 -17.18 -23.49
CA ASN A 117 -14.72 -15.73 -23.38
C ASN A 117 -15.27 -15.05 -24.63
N LYS A 118 -15.58 -13.76 -24.50
CA LYS A 118 -16.15 -12.91 -25.54
C LYS A 118 -17.59 -13.30 -25.88
N CYS A 119 -18.37 -13.69 -24.86
CA CYS A 119 -19.72 -14.16 -25.11
C CYS A 119 -20.67 -13.00 -25.40
N ASP A 120 -20.16 -11.78 -25.37
CA ASP A 120 -20.93 -10.62 -25.77
C ASP A 120 -21.06 -10.53 -27.30
N LEU A 121 -20.20 -11.25 -28.00
CA LEU A 121 -20.20 -11.18 -29.46
C LEU A 121 -21.20 -12.16 -30.07
N ALA A 122 -21.92 -11.71 -31.09
CA ALA A 122 -22.93 -12.56 -31.72
C ALA A 122 -22.31 -13.64 -32.60
N ALA A 123 -21.24 -13.30 -33.30
CA ALA A 123 -20.62 -14.21 -34.26
C ALA A 123 -19.89 -15.38 -33.59
N ARG A 124 -20.64 -16.23 -32.91
CA ARG A 124 -20.09 -17.42 -32.26
C ARG A 124 -19.68 -18.51 -33.27
N THR A 125 -18.53 -19.13 -33.06
CA THR A 125 -18.10 -20.25 -33.89
C THR A 125 -17.83 -21.53 -33.10
N VAL A 126 -17.75 -21.42 -31.78
CA VAL A 126 -17.66 -22.60 -30.93
C VAL A 126 -18.96 -22.74 -30.15
N GLU A 127 -19.65 -23.85 -30.33
CA GLU A 127 -20.95 -24.01 -29.69
C GLU A 127 -20.76 -24.40 -28.23
N SER A 128 -21.67 -23.94 -27.37
CA SER A 128 -21.60 -24.25 -25.94
C SER A 128 -21.51 -25.75 -25.68
N ARG A 129 -22.31 -26.52 -26.42
CA ARG A 129 -22.35 -27.96 -26.24
C ARG A 129 -20.99 -28.60 -26.45
N GLN A 130 -20.29 -28.18 -27.50
CA GLN A 130 -18.96 -28.70 -27.80
C GLN A 130 -18.00 -28.43 -26.64
N ALA A 131 -18.00 -27.19 -26.13
CA ALA A 131 -17.14 -26.85 -24.99
C ALA A 131 -17.56 -27.59 -23.73
N GLN A 132 -18.87 -27.70 -23.53
CA GLN A 132 -19.38 -28.38 -22.35
C GLN A 132 -18.96 -29.86 -22.38
N ASP A 133 -19.03 -30.49 -23.56
CA ASP A 133 -18.59 -31.88 -23.69
C ASP A 133 -17.13 -32.04 -23.27
N LEU A 134 -16.30 -31.11 -23.73
CA LEU A 134 -14.89 -31.12 -23.38
C LEU A 134 -14.70 -30.99 -21.87
N ALA A 135 -15.37 -30.03 -21.27
CA ALA A 135 -15.27 -29.81 -19.83
C ALA A 135 -15.65 -31.07 -19.06
N ARG A 136 -16.74 -31.73 -19.46
CA ARG A 136 -17.16 -32.95 -18.78
C ARG A 136 -16.08 -34.01 -18.89
N SER A 137 -15.43 -34.10 -20.05
CA SER A 137 -14.38 -35.08 -20.25
C SER A 137 -13.19 -34.76 -19.32
N TYR A 138 -13.06 -33.49 -18.94
CA TYR A 138 -12.00 -33.07 -18.03
C TYR A 138 -12.43 -33.15 -16.57
N GLY A 139 -13.73 -33.26 -16.33
CA GLY A 139 -14.25 -33.26 -14.97
C GLY A 139 -14.29 -31.87 -14.34
N ILE A 140 -14.49 -30.85 -15.18
CA ILE A 140 -14.42 -29.47 -14.71
C ILE A 140 -15.59 -28.63 -15.23
N PRO A 141 -15.87 -27.51 -14.57
CA PRO A 141 -16.99 -26.70 -15.02
C PRO A 141 -16.64 -25.87 -16.24
N TYR A 142 -17.67 -25.47 -16.98
CA TYR A 142 -17.52 -24.61 -18.14
C TYR A 142 -18.32 -23.34 -17.90
N ILE A 143 -17.66 -22.19 -18.04
CA ILE A 143 -18.32 -20.92 -17.79
C ILE A 143 -18.05 -19.98 -18.93
N GLU A 144 -19.11 -19.40 -19.49
CA GLU A 144 -18.96 -18.44 -20.57
C GLU A 144 -18.90 -17.05 -19.98
N THR A 145 -18.02 -16.22 -20.53
CA THR A 145 -17.73 -14.92 -19.95
C THR A 145 -17.65 -13.80 -20.96
N SER A 146 -17.76 -12.57 -20.46
CA SER A 146 -17.42 -11.40 -21.23
C SER A 146 -16.63 -10.43 -20.35
N ALA A 147 -15.38 -10.22 -20.71
CA ALA A 147 -14.58 -9.21 -20.03
C ALA A 147 -15.14 -7.82 -20.30
N LYS A 148 -15.90 -7.69 -21.38
CA LYS A 148 -16.46 -6.40 -21.74
C LYS A 148 -17.65 -6.02 -20.88
N THR A 149 -18.57 -6.96 -20.66
CA THR A 149 -19.78 -6.68 -19.89
C THR A 149 -19.75 -7.14 -18.43
N ARG A 150 -18.72 -7.92 -18.06
CA ARG A 150 -18.57 -8.59 -16.75
C ARG A 150 -19.36 -9.88 -16.61
N GLN A 151 -20.18 -10.21 -17.61
CA GLN A 151 -20.87 -11.50 -17.67
C GLN A 151 -19.97 -12.64 -17.25
N GLY A 152 -20.34 -13.35 -16.20
CA GLY A 152 -19.63 -14.56 -15.78
C GLY A 152 -18.22 -14.44 -15.23
N VAL A 153 -17.69 -13.23 -15.15
CA VAL A 153 -16.29 -13.06 -14.80
C VAL A 153 -16.02 -13.50 -13.36
N GLU A 154 -16.81 -13.01 -12.41
CA GLU A 154 -16.64 -13.42 -11.03
C GLU A 154 -16.91 -14.92 -10.86
N ASP A 155 -17.95 -15.39 -11.53
CA ASP A 155 -18.29 -16.82 -11.47
C ASP A 155 -17.11 -17.69 -11.92
N ALA A 156 -16.44 -17.30 -13.00
CA ALA A 156 -15.30 -18.09 -13.49
C ALA A 156 -14.15 -18.13 -12.47
N PHE A 157 -13.71 -16.97 -11.99
CA PHE A 157 -12.59 -16.92 -11.07
C PHE A 157 -12.94 -17.54 -9.72
N TYR A 158 -14.13 -17.27 -9.21
CA TYR A 158 -14.47 -17.73 -7.86
C TYR A 158 -14.81 -19.23 -7.86
N THR A 159 -15.34 -19.72 -8.97
CA THR A 159 -15.49 -21.17 -9.14
C THR A 159 -14.12 -21.84 -9.07
N LEU A 160 -13.11 -21.23 -9.70
CA LEU A 160 -11.78 -21.82 -9.63
C LEU A 160 -11.29 -21.86 -8.18
N VAL A 161 -11.53 -20.79 -7.43
CA VAL A 161 -11.15 -20.76 -6.02
C VAL A 161 -11.79 -21.93 -5.25
N ARG A 162 -13.06 -22.17 -5.50
CA ARG A 162 -13.76 -23.28 -4.84
C ARG A 162 -13.16 -24.63 -5.18
N GLU A 163 -12.71 -24.79 -6.41
CA GLU A 163 -12.05 -26.05 -6.78
C GLU A 163 -10.74 -26.25 -6.03
N ILE A 164 -9.98 -25.17 -5.88
CA ILE A 164 -8.72 -25.24 -5.15
C ILE A 164 -9.00 -25.55 -3.70
N ARG A 165 -10.02 -24.90 -3.15
CA ARG A 165 -10.39 -25.05 -1.76
C ARG A 165 -10.80 -26.49 -1.43
N GLN A 166 -11.47 -27.15 -2.35
CA GLN A 166 -11.91 -28.52 -2.10
C GLN A 166 -10.89 -29.56 -2.55
N HIS A 167 -9.80 -29.12 -3.15
CA HIS A 167 -8.79 -30.04 -3.66
C HIS A 167 -8.16 -30.85 -2.53
N GLY B 1 0.96 -8.85 36.62
CA GLY B 1 2.32 -9.25 36.96
C GLY B 1 3.25 -8.06 37.12
N MET B 2 4.12 -7.86 36.14
CA MET B 2 5.01 -6.71 36.17
C MET B 2 4.32 -5.47 35.63
N THR B 3 4.77 -4.32 36.09
CA THR B 3 4.23 -3.05 35.67
C THR B 3 4.49 -2.86 34.18
N GLU B 4 3.51 -2.30 33.47
CA GLU B 4 3.70 -1.95 32.08
C GLU B 4 3.65 -0.43 31.94
N TYR B 5 4.63 0.14 31.26
CA TYR B 5 4.64 1.58 31.04
C TYR B 5 4.31 1.93 29.59
N LYS B 6 3.31 2.79 29.39
CA LYS B 6 2.92 3.26 28.07
C LYS B 6 3.69 4.53 27.74
N LEU B 7 4.73 4.41 26.94
CA LEU B 7 5.57 5.56 26.61
C LEU B 7 5.23 6.08 25.21
N VAL B 8 5.24 7.40 25.04
CA VAL B 8 4.92 8.00 23.74
C VAL B 8 6.03 8.93 23.28
N VAL B 9 6.52 8.69 22.07
CA VAL B 9 7.55 9.51 21.45
C VAL B 9 6.91 10.57 20.56
N VAL B 10 7.22 11.83 20.81
CA VAL B 10 6.72 12.90 19.98
C VAL B 10 7.86 13.79 19.52
N GLY B 11 7.65 14.50 18.41
CA GLY B 11 8.63 15.42 17.90
C GLY B 11 8.53 15.61 16.40
N ALA B 12 9.24 16.60 15.88
CA ALA B 12 9.23 16.93 14.46
C ALA B 12 9.61 15.74 13.58
N GLY B 13 8.98 15.67 12.41
CA GLY B 13 9.32 14.64 11.43
C GLY B 13 10.54 15.00 10.60
N GLY B 14 11.01 14.03 9.83
CA GLY B 14 12.04 14.27 8.84
C GLY B 14 13.45 14.43 9.38
N VAL B 15 13.65 14.15 10.67
CA VAL B 15 14.97 14.40 11.25
C VAL B 15 15.44 13.26 12.16
N GLY B 16 15.13 12.03 11.78
CA GLY B 16 15.69 10.86 12.43
C GLY B 16 15.09 10.41 13.75
N LYS B 17 13.95 11.00 14.13
CA LYS B 17 13.22 10.65 15.36
C LYS B 17 13.08 9.16 15.59
N SER B 18 12.70 8.41 14.55
CA SER B 18 12.39 6.97 14.69
C SER B 18 13.57 6.10 15.13
N ALA B 19 14.78 6.62 14.97
CA ALA B 19 16.00 5.86 15.31
C ALA B 19 16.09 5.55 16.80
N LEU B 20 15.49 6.43 17.61
CA LEU B 20 15.54 6.27 19.05
C LEU B 20 14.89 4.94 19.49
N THR B 21 13.65 4.73 19.07
CA THR B 21 12.92 3.53 19.50
C THR B 21 13.41 2.28 18.79
N ILE B 22 13.73 2.43 17.50
CA ILE B 22 14.31 1.34 16.73
C ILE B 22 15.58 0.83 17.41
N GLN B 23 16.46 1.74 17.83
CA GLN B 23 17.72 1.35 18.43
C GLN B 23 17.50 0.67 19.79
N LEU B 24 16.50 1.14 20.52
CA LEU B 24 16.13 0.51 21.79
C LEU B 24 15.63 -0.91 21.60
N ILE B 25 14.58 -1.04 20.80
CA ILE B 25 13.83 -2.29 20.66
C ILE B 25 14.63 -3.31 19.87
N GLN B 26 15.55 -2.84 19.03
CA GLN B 26 16.50 -3.69 18.32
C GLN B 26 17.39 -4.46 19.28
N ASN B 27 18.65 -4.59 18.90
CA ASN B 27 19.64 -5.16 19.80
C ASN B 27 21.02 -4.61 19.50
N HIS B 28 21.10 -3.81 18.45
CA HIS B 28 22.36 -3.21 17.98
C HIS B 28 23.50 -4.23 17.92
N PHE B 29 23.14 -5.50 17.85
CA PHE B 29 24.10 -6.54 17.55
C PHE B 29 23.67 -7.15 16.23
N VAL B 30 22.44 -6.84 15.81
CA VAL B 30 22.06 -7.00 14.41
C VAL B 30 21.32 -5.76 13.93
N ASP B 31 21.88 -5.11 12.92
CA ASP B 31 21.19 -4.02 12.23
C ASP B 31 20.05 -4.59 11.39
N GLU B 32 18.85 -4.56 11.96
CA GLU B 32 17.69 -5.20 11.34
C GLU B 32 16.42 -4.68 12.01
N TYR B 33 15.30 -4.73 11.29
CA TYR B 33 14.02 -4.28 11.84
C TYR B 33 12.84 -4.65 10.94
N ASP B 34 11.82 -5.24 11.56
CA ASP B 34 10.52 -5.34 10.93
C ASP B 34 9.47 -4.71 11.85
N PRO B 35 9.05 -3.48 11.54
CA PRO B 35 8.11 -2.74 12.39
C PRO B 35 6.72 -3.35 12.33
N THR B 36 6.52 -4.21 11.33
CA THR B 36 5.26 -4.89 11.08
C THR B 36 4.89 -5.90 12.17
N ILE B 37 5.87 -6.42 12.88
CA ILE B 37 5.60 -7.49 13.84
C ILE B 37 5.43 -6.97 15.27
N GLU B 38 4.44 -7.52 15.97
CA GLU B 38 4.18 -7.12 17.35
C GLU B 38 5.23 -7.72 18.27
N ASP B 39 5.92 -6.85 19.01
CA ASP B 39 7.12 -7.07 19.86
C ASP B 39 8.24 -6.25 19.22
N SER B 40 7.86 -5.47 18.22
CA SER B 40 8.75 -4.46 17.66
C SER B 40 8.58 -3.14 18.40
N TYR B 41 7.66 -3.11 19.34
CA TYR B 41 7.40 -1.92 20.15
C TYR B 41 7.08 -2.29 21.61
N ARG B 42 7.38 -3.54 21.97
CA ARG B 42 7.26 -4.02 23.35
C ARG B 42 8.58 -4.62 23.80
N LYS B 43 9.04 -4.22 24.98
CA LYS B 43 10.34 -4.64 25.45
C LYS B 43 10.38 -4.77 26.97
N GLN B 44 10.83 -5.93 27.42
CA GLN B 44 10.98 -6.19 28.85
C GLN B 44 12.36 -5.73 29.29
N VAL B 45 12.40 -4.87 30.30
CA VAL B 45 13.66 -4.35 30.78
C VAL B 45 13.74 -4.39 32.30
N VAL B 46 14.97 -4.27 32.81
CA VAL B 46 15.21 -4.16 34.23
C VAL B 46 15.79 -2.79 34.54
N ILE B 47 15.05 -2.01 35.31
CA ILE B 47 15.46 -0.66 35.63
C ILE B 47 15.57 -0.50 37.14
N ASP B 48 16.77 -0.21 37.62
CA ASP B 48 17.04 -0.11 39.05
C ASP B 48 16.55 -1.35 39.78
N GLY B 49 16.80 -2.51 39.20
CA GLY B 49 16.51 -3.77 39.85
C GLY B 49 15.10 -4.29 39.64
N GLU B 50 14.21 -3.42 39.17
CA GLU B 50 12.82 -3.81 38.99
C GLU B 50 12.46 -4.07 37.54
N THR B 51 12.05 -5.31 37.25
CA THR B 51 11.67 -5.68 35.89
C THR B 51 10.35 -5.04 35.50
N CYS B 52 10.27 -4.52 34.29
CA CYS B 52 9.03 -3.96 33.79
C CYS B 52 8.90 -4.15 32.29
N LEU B 53 7.74 -3.80 31.77
CA LEU B 53 7.46 -3.92 30.35
C LEU B 53 7.22 -2.55 29.72
N LEU B 54 8.00 -2.23 28.71
CA LEU B 54 7.88 -0.96 28.02
C LEU B 54 7.02 -1.09 26.77
N ASP B 55 5.94 -0.34 26.72
CA ASP B 55 5.17 -0.26 25.48
C ASP B 55 5.39 1.11 24.84
N ILE B 56 6.07 1.11 23.69
CA ILE B 56 6.45 2.36 23.04
C ILE B 56 5.59 2.67 21.84
N LEU B 57 4.96 3.84 21.85
CA LEU B 57 4.26 4.33 20.68
C LEU B 57 5.10 5.40 19.98
N ASP B 58 5.53 5.10 18.77
CA ASP B 58 6.24 6.05 17.93
C ASP B 58 5.56 6.07 16.57
N THR B 59 4.82 7.13 16.31
CA THR B 59 4.07 7.25 15.08
C THR B 59 4.84 8.03 14.02
N ALA B 60 6.17 7.97 14.10
CA ALA B 60 7.03 8.62 13.13
C ALA B 60 6.52 8.37 11.71
N GLY B 61 6.48 9.43 10.91
CA GLY B 61 5.95 9.35 9.57
C GLY B 61 4.52 9.86 9.42
N GLN B 62 3.81 9.97 10.54
CA GLN B 62 2.42 10.43 10.55
C GLN B 62 2.26 11.88 11.01
N GLU B 63 3.36 12.64 10.99
CA GLU B 63 3.37 14.01 11.53
C GLU B 63 2.34 14.93 10.87
N GLU B 64 2.05 14.70 9.60
CA GLU B 64 1.11 15.55 8.87
C GLU B 64 -0.35 15.31 9.34
N TYR B 65 -0.62 14.16 9.96
CA TYR B 65 -1.91 13.92 10.60
C TYR B 65 -1.97 14.67 11.95
N SER B 66 -1.95 15.99 11.87
CA SER B 66 -1.79 16.79 13.07
C SER B 66 -3.00 16.73 14.02
N ALA B 67 -4.18 16.43 13.48
CA ALA B 67 -5.36 16.36 14.33
C ALA B 67 -5.48 15.00 15.04
N MET B 68 -4.54 14.10 14.77
CA MET B 68 -4.50 12.81 15.47
C MET B 68 -3.55 12.82 16.66
N ARG B 69 -2.80 13.90 16.81
CA ARG B 69 -1.80 13.98 17.86
C ARG B 69 -2.42 13.83 19.27
N ASP B 70 -3.54 14.48 19.53
CA ASP B 70 -4.22 14.32 20.81
C ASP B 70 -4.56 12.86 21.08
N GLN B 71 -5.14 12.22 20.08
CA GLN B 71 -5.54 10.84 20.22
C GLN B 71 -4.37 9.90 20.52
N TYR B 72 -3.26 10.07 19.80
CA TYR B 72 -2.05 9.31 20.08
C TYR B 72 -1.50 9.63 21.47
N MET B 73 -1.41 10.91 21.82
CA MET B 73 -0.82 11.31 23.10
C MET B 73 -1.64 10.82 24.28
N ARG B 74 -2.96 10.76 24.09
CA ARG B 74 -3.88 10.41 25.16
C ARG B 74 -3.55 9.03 25.71
N THR B 75 -2.97 8.18 24.87
CA THR B 75 -2.66 6.79 25.27
C THR B 75 -1.45 6.66 26.20
N GLY B 76 -0.70 7.73 26.43
CA GLY B 76 0.58 7.60 27.12
C GLY B 76 0.62 8.07 28.55
N GLU B 77 1.49 7.48 29.37
CA GLU B 77 1.71 7.99 30.71
C GLU B 77 3.03 8.72 30.83
N GLY B 78 3.94 8.50 29.89
CA GLY B 78 5.20 9.23 29.86
C GLY B 78 5.58 9.59 28.44
N PHE B 79 6.28 10.71 28.27
CA PHE B 79 6.56 11.24 26.94
C PHE B 79 8.04 11.55 26.74
N LEU B 80 8.55 11.14 25.58
CA LEU B 80 9.85 11.61 25.12
C LEU B 80 9.62 12.64 24.05
N CYS B 81 10.03 13.87 24.34
CA CYS B 81 9.94 14.96 23.38
C CYS B 81 11.28 15.09 22.66
N VAL B 82 11.29 14.75 21.38
CA VAL B 82 12.53 14.59 20.61
C VAL B 82 12.74 15.71 19.59
N PHE B 83 13.92 16.31 19.61
CA PHE B 83 14.33 17.23 18.56
C PHE B 83 15.68 16.76 18.01
N ALA B 84 16.03 17.24 16.81
CA ALA B 84 17.33 16.94 16.23
C ALA B 84 18.28 18.09 16.51
N ILE B 85 19.50 17.77 16.91
CA ILE B 85 20.44 18.80 17.34
C ILE B 85 20.96 19.60 16.15
N ASN B 86 20.72 19.13 14.93
CA ASN B 86 21.09 19.90 13.75
C ASN B 86 19.90 20.58 13.07
N ASN B 87 18.78 20.69 13.79
CA ASN B 87 17.57 21.31 13.24
C ASN B 87 16.90 22.18 14.28
N THR B 88 17.15 23.48 14.20
CA THR B 88 16.68 24.42 15.20
C THR B 88 15.16 24.51 15.26
N LYS B 89 14.51 24.42 14.12
CA LYS B 89 13.05 24.44 14.11
C LYS B 89 12.46 23.31 14.96
N SER B 90 13.04 22.11 14.86
CA SER B 90 12.53 20.96 15.65
C SER B 90 12.69 21.25 17.14
N PHE B 91 13.74 21.96 17.50
CA PHE B 91 13.97 22.38 18.89
C PHE B 91 12.94 23.40 19.32
N GLU B 92 12.64 24.34 18.43
CA GLU B 92 11.65 25.38 18.70
C GLU B 92 10.23 24.84 18.79
N ASP B 93 9.98 23.70 18.14
CA ASP B 93 8.69 23.03 18.22
C ASP B 93 8.41 22.44 19.61
N ILE B 94 9.45 22.22 20.40
CA ILE B 94 9.30 21.47 21.65
C ILE B 94 8.27 22.10 22.58
N HIS B 95 8.33 23.41 22.71
CA HIS B 95 7.40 24.14 23.55
C HIS B 95 5.95 23.75 23.28
N GLN B 96 5.55 23.75 22.02
CA GLN B 96 4.16 23.44 21.66
C GLN B 96 3.80 21.99 21.93
N TYR B 97 4.74 21.08 21.72
CA TYR B 97 4.50 19.67 22.05
C TYR B 97 4.23 19.50 23.54
N ARG B 98 5.05 20.14 24.37
CA ARG B 98 4.86 20.06 25.81
C ARG B 98 3.52 20.64 26.22
N GLU B 99 3.15 21.78 25.64
CA GLU B 99 1.87 22.39 25.96
C GLU B 99 0.72 21.48 25.55
N GLN B 100 0.87 20.82 24.42
CA GLN B 100 -0.17 19.95 23.93
C GLN B 100 -0.33 18.72 24.81
N ILE B 101 0.78 18.16 25.28
CA ILE B 101 0.76 17.02 26.19
C ILE B 101 0.06 17.37 27.51
N LYS B 102 0.41 18.54 28.05
CA LYS B 102 -0.20 19.02 29.29
C LYS B 102 -1.71 19.15 29.14
N ARG B 103 -2.14 19.68 28.00
CA ARG B 103 -3.56 19.86 27.75
C ARG B 103 -4.27 18.51 27.63
N VAL B 104 -3.72 17.60 26.83
CA VAL B 104 -4.31 16.28 26.65
C VAL B 104 -4.40 15.47 27.95
N LYS B 105 -3.38 15.58 28.77
CA LYS B 105 -3.35 14.83 30.04
C LYS B 105 -4.04 15.61 31.16
N ASP B 106 -4.42 16.86 30.88
CA ASP B 106 -5.03 17.77 31.86
C ASP B 106 -4.23 17.81 33.15
N SER B 107 -2.95 18.13 33.02
CA SER B 107 -2.04 18.17 34.15
C SER B 107 -0.83 19.03 33.82
N ASP B 108 -0.31 19.70 34.84
CA ASP B 108 0.87 20.54 34.68
C ASP B 108 2.11 19.73 34.94
N ASP B 109 1.92 18.52 35.43
CA ASP B 109 3.05 17.70 35.84
C ASP B 109 3.01 16.32 35.19
N VAL B 110 3.34 16.28 33.90
CA VAL B 110 3.32 15.03 33.15
C VAL B 110 4.74 14.49 33.02
N PRO B 111 4.95 13.21 33.33
CA PRO B 111 6.30 12.64 33.21
C PRO B 111 6.83 12.77 31.79
N MET B 112 7.90 13.50 31.60
CA MET B 112 8.48 13.62 30.28
C MET B 112 9.94 13.92 30.33
N VAL B 113 10.63 13.57 29.25
CA VAL B 113 12.04 13.90 29.10
C VAL B 113 12.26 14.62 27.77
N LEU B 114 13.23 15.51 27.76
CA LEU B 114 13.64 16.17 26.54
C LEU B 114 14.80 15.39 25.95
N VAL B 115 14.72 15.06 24.66
CA VAL B 115 15.78 14.29 24.02
C VAL B 115 16.34 15.02 22.81
N GLY B 116 17.63 15.29 22.83
CA GLY B 116 18.33 15.84 21.69
C GLY B 116 18.98 14.72 20.90
N ASN B 117 18.54 14.51 19.67
CA ASN B 117 18.98 13.39 18.86
C ASN B 117 19.97 13.82 17.76
N LYS B 118 21.11 13.15 17.69
CA LYS B 118 22.11 13.43 16.65
C LYS B 118 21.96 12.41 15.52
N CYS B 119 21.44 12.86 14.39
CA CYS B 119 20.96 11.98 13.32
C CYS B 119 21.87 11.89 12.14
N ASP B 120 22.94 12.64 12.18
CA ASP B 120 23.95 12.51 11.15
C ASP B 120 25.13 13.38 11.49
N LEU B 121 25.99 13.60 10.50
CA LEU B 121 27.16 14.42 10.66
C LEU B 121 26.99 15.85 10.15
N ALA B 122 25.78 16.25 9.81
CA ALA B 122 25.50 17.65 9.53
C ALA B 122 25.79 18.47 10.78
N ALA B 123 26.13 19.74 10.59
CA ALA B 123 26.57 20.59 11.70
C ALA B 123 25.49 20.73 12.76
N ARG B 124 25.89 20.61 14.02
CA ARG B 124 24.99 20.87 15.13
C ARG B 124 24.59 22.34 15.11
N THR B 125 23.32 22.63 15.38
CA THR B 125 22.88 24.01 15.44
C THR B 125 22.24 24.33 16.79
N VAL B 126 21.90 23.30 17.54
CA VAL B 126 21.41 23.50 18.91
C VAL B 126 22.48 23.04 19.90
N GLU B 127 23.07 23.98 20.63
CA GLU B 127 24.09 23.62 21.61
C GLU B 127 23.45 22.96 22.83
N SER B 128 24.19 22.07 23.48
CA SER B 128 23.63 21.33 24.58
C SER B 128 23.22 22.26 25.72
N ARG B 129 23.97 23.36 25.89
CA ARG B 129 23.61 24.34 26.90
C ARG B 129 22.21 24.91 26.68
N GLN B 130 21.87 25.24 25.43
CA GLN B 130 20.52 25.71 25.11
C GLN B 130 19.46 24.71 25.54
N ALA B 131 19.70 23.45 25.22
CA ALA B 131 18.74 22.41 25.52
C ALA B 131 18.64 22.15 27.03
N GLN B 132 19.77 22.19 27.73
CA GLN B 132 19.79 22.04 29.19
C GLN B 132 18.98 23.16 29.85
N ASP B 133 19.21 24.40 29.42
CA ASP B 133 18.46 25.53 29.94
C ASP B 133 16.96 25.36 29.72
N LEU B 134 16.56 24.91 28.53
CA LEU B 134 15.14 24.70 28.24
C LEU B 134 14.56 23.63 29.14
N ALA B 135 15.24 22.49 29.24
CA ALA B 135 14.80 21.41 30.11
C ALA B 135 14.71 21.88 31.57
N ARG B 136 15.70 22.62 32.05
CA ARG B 136 15.65 23.14 33.41
C ARG B 136 14.44 24.04 33.62
N SER B 137 14.16 24.90 32.64
CA SER B 137 13.02 25.80 32.75
C SER B 137 11.70 25.03 32.90
N TYR B 138 11.65 23.82 32.33
CA TYR B 138 10.48 22.94 32.42
C TYR B 138 10.51 22.01 33.61
N GLY B 139 11.64 21.89 34.28
CA GLY B 139 11.78 20.94 35.37
C GLY B 139 11.85 19.48 34.92
N ILE B 140 12.46 19.23 33.76
CA ILE B 140 12.53 17.84 33.25
C ILE B 140 13.96 17.47 32.86
N PRO B 141 14.26 16.17 32.81
CA PRO B 141 15.60 15.76 32.38
C PRO B 141 15.88 16.01 30.89
N TYR B 142 17.15 16.23 30.59
CA TYR B 142 17.63 16.30 29.22
C TYR B 142 18.60 15.16 28.95
N ILE B 143 18.36 14.43 27.86
CA ILE B 143 19.27 13.37 27.42
C ILE B 143 19.64 13.60 25.95
N GLU B 144 20.92 13.51 25.60
CA GLU B 144 21.32 13.51 24.19
C GLU B 144 21.63 12.10 23.75
N THR B 145 21.22 11.79 22.52
CA THR B 145 21.36 10.45 21.96
C THR B 145 21.97 10.49 20.56
N SER B 146 22.62 9.40 20.17
CA SER B 146 23.08 9.26 18.79
C SER B 146 22.15 8.33 18.03
N ALA B 147 21.77 8.73 16.82
CA ALA B 147 20.92 7.90 15.96
C ALA B 147 21.70 6.78 15.29
N LYS B 148 23.01 6.73 15.53
CA LYS B 148 23.87 5.75 14.86
C LYS B 148 24.58 4.77 15.79
N THR B 149 24.96 5.23 16.98
CA THR B 149 25.82 4.42 17.86
C THR B 149 25.10 3.82 19.06
N ARG B 150 23.82 4.10 19.17
CA ARG B 150 22.96 3.73 20.30
C ARG B 150 23.31 4.44 21.62
N GLN B 151 24.31 5.32 21.60
CA GLN B 151 24.62 6.10 22.79
C GLN B 151 23.42 6.93 23.27
N GLY B 152 23.18 6.89 24.57
CA GLY B 152 22.14 7.70 25.19
C GLY B 152 20.74 7.12 25.09
N VAL B 153 20.56 6.09 24.25
CA VAL B 153 19.22 5.57 24.00
C VAL B 153 18.60 4.93 25.25
N GLU B 154 19.31 4.00 25.89
CA GLU B 154 18.78 3.39 27.11
C GLU B 154 18.56 4.45 28.18
N ASP B 155 19.48 5.41 28.27
CA ASP B 155 19.38 6.48 29.26
C ASP B 155 18.09 7.28 29.06
N ALA B 156 17.75 7.57 27.81
CA ALA B 156 16.54 8.36 27.52
C ALA B 156 15.30 7.63 28.04
N PHE B 157 15.15 6.37 27.68
CA PHE B 157 13.97 5.62 28.08
C PHE B 157 13.95 5.29 29.57
N TYR B 158 15.09 4.92 30.14
CA TYR B 158 15.13 4.56 31.55
C TYR B 158 14.85 5.78 32.41
N THR B 159 15.40 6.93 32.02
CA THR B 159 15.18 8.17 32.75
C THR B 159 13.69 8.50 32.78
N LEU B 160 13.00 8.29 31.66
CA LEU B 160 11.57 8.57 31.62
C LEU B 160 10.81 7.62 32.53
N VAL B 161 11.21 6.36 32.55
CA VAL B 161 10.56 5.42 33.45
C VAL B 161 10.77 5.86 34.90
N ARG B 162 11.95 6.40 35.22
CA ARG B 162 12.19 6.91 36.56
C ARG B 162 11.32 8.12 36.88
N GLU B 163 11.08 8.97 35.89
CA GLU B 163 10.17 10.11 36.07
C GLU B 163 8.76 9.62 36.39
N ILE B 164 8.34 8.57 35.71
CA ILE B 164 7.03 8.00 35.97
C ILE B 164 6.97 7.45 37.39
N ARG B 165 7.95 6.61 37.75
CA ARG B 165 7.96 5.99 39.07
C ARG B 165 7.99 7.01 40.20
N GLN B 166 8.68 8.13 39.98
CA GLN B 166 8.83 9.13 41.02
C GLN B 166 7.77 10.22 40.94
N HIS B 167 6.78 10.04 40.08
CA HIS B 167 5.75 11.05 39.91
C HIS B 167 4.88 11.15 41.16
N GLN C 2 23.23 -29.47 -18.71
CA GLN C 2 23.01 -28.06 -18.45
C GLN C 2 23.68 -27.19 -19.52
N MET C 3 23.02 -26.10 -19.88
CA MET C 3 23.52 -25.25 -20.95
C MET C 3 24.81 -24.56 -20.55
N ARG C 4 25.72 -24.50 -21.51
CA ARG C 4 26.91 -23.69 -21.33
C ARG C 4 26.56 -22.23 -21.55
N LEU C 5 27.32 -21.34 -20.94
CA LEU C 5 27.04 -19.92 -20.94
C LEU C 5 28.11 -19.16 -21.70
N PRO C 6 27.81 -17.91 -22.06
CA PRO C 6 28.90 -17.11 -22.65
C PRO C 6 30.01 -16.91 -21.63
N SER C 7 31.21 -16.60 -22.10
CA SER C 7 32.30 -16.27 -21.19
C SER C 7 31.96 -15.05 -20.37
N ALA C 8 32.27 -15.09 -19.08
CA ALA C 8 31.98 -13.99 -18.17
C ALA C 8 32.79 -12.74 -18.54
N ASP C 9 33.73 -12.90 -19.46
CA ASP C 9 34.53 -11.78 -19.94
C ASP C 9 33.84 -11.01 -21.05
N VAL C 10 33.01 -11.67 -21.84
CA VAL C 10 32.26 -10.96 -22.88
C VAL C 10 30.83 -10.65 -22.42
N TYR C 11 30.35 -11.35 -21.39
CA TYR C 11 28.99 -11.18 -20.93
C TYR C 11 28.96 -11.27 -19.41
N ARG C 12 28.86 -10.12 -18.75
CA ARG C 12 29.00 -10.02 -17.29
C ARG C 12 27.97 -10.80 -16.48
N PHE C 13 26.83 -11.13 -17.07
CA PHE C 13 25.76 -11.79 -16.32
C PHE C 13 25.90 -13.32 -16.27
N ALA C 14 27.08 -13.83 -16.65
CA ALA C 14 27.34 -15.25 -16.61
C ALA C 14 28.34 -15.64 -15.51
N GLU C 15 28.73 -14.67 -14.67
CA GLU C 15 29.53 -14.98 -13.48
C GLU C 15 28.81 -16.03 -12.65
N PRO C 16 29.55 -16.99 -12.11
CA PRO C 16 28.89 -17.95 -11.23
C PRO C 16 28.36 -17.31 -9.95
N ASP C 17 27.24 -17.79 -9.43
CA ASP C 17 26.75 -17.34 -8.13
C ASP C 17 27.79 -17.64 -7.08
N SER C 18 27.98 -16.71 -6.14
CA SER C 18 28.76 -17.01 -4.96
C SER C 18 28.32 -16.05 -3.87
N GLU C 19 28.72 -16.33 -2.63
CA GLU C 19 28.35 -15.45 -1.54
C GLU C 19 29.04 -14.10 -1.61
N GLU C 20 30.00 -13.97 -2.51
CA GLU C 20 30.60 -12.67 -2.77
C GLU C 20 29.74 -11.79 -3.70
N ASN C 21 28.73 -12.37 -4.36
CA ASN C 21 27.86 -11.57 -5.21
C ASN C 21 26.35 -11.77 -5.05
N ILE C 22 25.94 -12.81 -4.31
CA ILE C 22 24.52 -13.03 -4.05
C ILE C 22 24.30 -13.89 -2.82
N ILE C 23 23.33 -13.50 -2.00
CA ILE C 23 22.96 -14.27 -0.82
C ILE C 23 21.45 -14.53 -0.82
N PHE C 24 21.08 -15.79 -0.62
CA PHE C 24 19.68 -16.15 -0.67
C PHE C 24 19.13 -16.28 0.74
N GLU C 25 17.83 -16.05 0.87
CA GLU C 25 17.11 -16.30 2.10
C GLU C 25 17.05 -17.81 2.34
N GLU C 26 16.99 -18.23 3.59
CA GLU C 26 16.74 -19.66 3.89
C GLU C 26 15.30 -20.04 3.57
N GLY C 33 8.34 -22.34 -5.99
CA GLY C 33 9.57 -22.90 -5.48
C GLY C 33 10.79 -22.24 -6.06
N ILE C 34 10.84 -20.92 -6.00
CA ILE C 34 11.99 -20.18 -6.51
C ILE C 34 12.73 -19.52 -5.35
N PRO C 35 14.04 -19.26 -5.52
CA PRO C 35 14.82 -18.67 -4.43
C PRO C 35 14.38 -17.25 -4.09
N ILE C 36 14.58 -16.88 -2.83
CA ILE C 36 14.33 -15.52 -2.36
C ILE C 36 15.65 -14.85 -2.05
N ILE C 37 15.90 -13.72 -2.70
CA ILE C 37 17.18 -13.05 -2.59
C ILE C 37 17.25 -12.12 -1.38
N LYS C 38 18.25 -12.34 -0.55
CA LYS C 38 18.48 -11.48 0.61
C LYS C 38 19.34 -10.27 0.22
N ALA C 39 20.40 -10.53 -0.54
CA ALA C 39 21.34 -9.50 -0.92
C ALA C 39 22.08 -9.87 -2.19
N GLY C 40 22.61 -8.88 -2.89
CA GLY C 40 23.40 -9.15 -4.08
C GLY C 40 23.98 -7.90 -4.70
N THR C 41 24.91 -8.09 -5.63
CA THR C 41 25.37 -6.99 -6.45
C THR C 41 24.24 -6.61 -7.41
N VAL C 42 24.30 -5.39 -7.92
CA VAL C 42 23.33 -4.95 -8.93
C VAL C 42 23.29 -5.89 -10.12
N ILE C 43 24.46 -6.38 -10.53
CA ILE C 43 24.54 -7.28 -11.69
C ILE C 43 23.73 -8.55 -11.43
N LYS C 44 23.91 -9.13 -10.24
CA LYS C 44 23.19 -10.34 -9.88
C LYS C 44 21.69 -10.08 -9.72
N LEU C 45 21.34 -8.93 -9.14
CA LEU C 45 19.93 -8.58 -9.00
C LEU C 45 19.27 -8.53 -10.39
N ILE C 46 19.96 -7.91 -11.34
CA ILE C 46 19.40 -7.78 -12.67
C ILE C 46 19.37 -9.13 -13.40
N GLU C 47 20.38 -9.97 -13.16
CA GLU C 47 20.37 -11.32 -13.72
C GLU C 47 19.14 -12.09 -13.28
N ARG C 48 18.88 -12.07 -11.97
CA ARG C 48 17.73 -12.76 -11.41
C ARG C 48 16.39 -12.11 -11.76
N LEU C 49 16.41 -10.79 -11.97
CA LEU C 49 15.25 -10.05 -12.43
C LEU C 49 14.77 -10.55 -13.81
N THR C 50 15.71 -11.11 -14.55
CA THR C 50 15.48 -11.52 -15.92
C THR C 50 16.00 -12.93 -16.15
N TYR C 51 15.77 -13.80 -15.16
CA TYR C 51 16.39 -15.13 -15.15
C TYR C 51 15.82 -16.05 -16.22
N HIS C 52 16.68 -16.90 -16.80
CA HIS C 52 16.22 -17.75 -17.88
C HIS C 52 15.34 -18.92 -17.40
N MET C 53 15.46 -19.31 -16.14
CA MET C 53 14.77 -20.52 -15.66
C MET C 53 13.32 -20.28 -15.23
N TYR C 54 13.00 -19.06 -14.84
CA TYR C 54 11.67 -18.80 -14.30
C TYR C 54 11.34 -17.31 -14.32
N ALA C 55 10.05 -16.99 -14.31
CA ALA C 55 9.62 -15.60 -14.18
C ALA C 55 9.33 -15.30 -12.71
N ASP C 56 9.41 -14.04 -12.34
CA ASP C 56 9.05 -13.65 -10.99
C ASP C 56 8.47 -12.25 -11.06
N PRO C 57 7.21 -12.16 -11.50
CA PRO C 57 6.57 -10.86 -11.78
C PRO C 57 6.53 -9.99 -10.52
N ASN C 58 6.48 -10.65 -9.37
CA ASN C 58 6.49 -9.91 -8.12
C ASN C 58 7.87 -9.30 -7.86
N PHE C 59 8.93 -10.01 -8.24
CA PHE C 59 10.28 -9.47 -8.17
C PHE C 59 10.41 -8.23 -9.07
N VAL C 60 9.80 -8.29 -10.25
CA VAL C 60 9.82 -7.16 -11.17
C VAL C 60 9.15 -5.92 -10.54
N ARG C 61 8.00 -6.11 -9.90
CA ARG C 61 7.35 -4.99 -9.23
C ARG C 61 8.21 -4.46 -8.09
N THR C 62 8.72 -5.37 -7.26
CA THR C 62 9.55 -4.99 -6.12
C THR C 62 10.77 -4.19 -6.59
N PHE C 63 11.46 -4.71 -7.60
CA PHE C 63 12.67 -4.08 -8.12
C PHE C 63 12.34 -2.71 -8.71
N LEU C 64 11.35 -2.65 -9.59
CA LEU C 64 11.01 -1.39 -10.24
C LEU C 64 10.48 -0.32 -9.23
N THR C 65 9.87 -0.77 -8.15
CA THR C 65 9.38 0.16 -7.12
C THR C 65 10.53 0.77 -6.31
N THR C 66 11.57 -0.03 -6.05
CA THR C 66 12.57 0.32 -5.04
C THR C 66 14.01 0.56 -5.52
N TYR C 67 14.30 0.31 -6.79
CA TYR C 67 15.70 0.29 -7.25
C TYR C 67 16.42 1.64 -7.14
N ARG C 68 15.68 2.74 -7.10
CA ARG C 68 16.33 4.05 -7.20
C ARG C 68 17.22 4.33 -5.98
N SER C 69 16.98 3.62 -4.87
CA SER C 69 17.86 3.71 -3.70
C SER C 69 19.22 3.04 -3.88
N PHE C 70 19.44 2.30 -4.96
CA PHE C 70 20.75 1.70 -5.19
C PHE C 70 21.23 1.76 -6.64
N CYS C 71 20.42 2.28 -7.55
CA CYS C 71 20.78 2.36 -8.96
C CYS C 71 20.02 3.51 -9.62
N LYS C 72 20.72 4.34 -10.39
CA LYS C 72 20.06 5.43 -11.09
C LYS C 72 19.29 4.91 -12.30
N PRO C 73 18.15 5.55 -12.64
CA PRO C 73 17.38 5.12 -13.81
C PRO C 73 18.23 4.97 -15.09
N GLN C 74 19.10 5.93 -15.39
CA GLN C 74 19.95 5.83 -16.58
C GLN C 74 20.85 4.60 -16.52
N GLU C 75 21.36 4.29 -15.33
CA GLU C 75 22.23 3.15 -15.20
C GLU C 75 21.45 1.83 -15.31
N LEU C 76 20.24 1.80 -14.77
CA LEU C 76 19.39 0.61 -14.89
C LEU C 76 19.14 0.27 -16.36
N LEU C 77 18.82 1.29 -17.15
CA LEU C 77 18.55 1.08 -18.56
C LEU C 77 19.80 0.55 -19.29
N SER C 78 20.95 1.12 -18.98
CA SER C 78 22.20 0.61 -19.57
C SER C 78 22.43 -0.85 -19.21
N LEU C 79 22.15 -1.20 -17.97
CA LEU C 79 22.38 -2.57 -17.52
C LEU C 79 21.41 -3.57 -18.16
N ILE C 80 20.15 -3.21 -18.36
CA ILE C 80 19.26 -4.19 -18.94
C ILE C 80 19.47 -4.30 -20.44
N ILE C 81 19.93 -3.24 -21.08
CA ILE C 81 20.31 -3.31 -22.49
C ILE C 81 21.53 -4.24 -22.62
N GLU C 82 22.49 -4.06 -21.73
CA GLU C 82 23.62 -4.96 -21.64
C GLU C 82 23.15 -6.40 -21.46
N ARG C 83 22.20 -6.62 -20.55
CA ARG C 83 21.63 -7.95 -20.30
C ARG C 83 21.05 -8.55 -21.58
N PHE C 84 20.35 -7.72 -22.34
CA PHE C 84 19.65 -8.13 -23.55
C PHE C 84 20.59 -8.66 -24.64
N GLU C 85 21.78 -8.08 -24.72
CA GLU C 85 22.70 -8.35 -25.82
C GLU C 85 23.55 -9.58 -25.54
N ILE C 86 22.96 -10.75 -25.77
CA ILE C 86 23.59 -12.02 -25.42
C ILE C 86 24.32 -12.62 -26.62
N PRO C 87 25.59 -12.96 -26.46
CA PRO C 87 26.33 -13.57 -27.56
C PRO C 87 25.90 -15.00 -27.81
N GLU C 88 25.76 -15.37 -29.08
CA GLU C 88 25.43 -16.75 -29.46
C GLU C 88 26.70 -17.59 -29.50
N PRO C 89 26.60 -18.87 -29.13
CA PRO C 89 27.79 -19.71 -29.12
C PRO C 89 28.24 -20.09 -30.54
N GLU C 90 29.51 -20.46 -30.68
CA GLU C 90 30.06 -20.93 -31.95
C GLU C 90 29.60 -22.35 -32.26
N PRO C 91 29.64 -22.75 -33.54
CA PRO C 91 29.30 -24.13 -33.91
C PRO C 91 30.13 -25.14 -33.13
N THR C 92 29.55 -26.28 -32.79
CA THR C 92 30.27 -27.30 -32.07
C THR C 92 31.00 -28.23 -33.03
N GLU C 93 31.78 -29.16 -32.48
CA GLU C 93 32.57 -30.09 -33.27
C GLU C 93 31.70 -30.87 -34.28
N ALA C 94 30.54 -31.35 -33.84
CA ALA C 94 29.61 -32.04 -34.73
C ALA C 94 29.12 -31.12 -35.87
N ASP C 95 28.83 -29.88 -35.55
CA ASP C 95 28.44 -28.89 -36.54
C ASP C 95 29.55 -28.64 -37.58
N ARG C 96 30.75 -28.47 -37.07
CA ARG C 96 31.96 -28.28 -37.84
C ARG C 96 32.16 -29.41 -38.85
N ILE C 97 32.06 -30.63 -38.40
CA ILE C 97 32.17 -31.79 -39.25
C ILE C 97 31.11 -31.82 -40.34
N ALA C 98 29.90 -31.53 -39.97
CA ALA C 98 28.82 -31.46 -40.94
C ALA C 98 29.14 -30.42 -42.02
N ILE C 99 29.57 -29.24 -41.59
CA ILE C 99 29.83 -28.15 -42.52
C ILE C 99 30.98 -28.52 -43.47
N GLU C 100 32.01 -29.15 -42.92
CA GLU C 100 33.16 -29.56 -43.71
C GLU C 100 32.80 -30.57 -44.80
N ASN C 101 31.67 -31.24 -44.63
CA ASN C 101 31.20 -32.21 -45.61
C ASN C 101 30.08 -31.68 -46.48
N GLY C 102 29.88 -30.36 -46.43
CA GLY C 102 28.88 -29.71 -47.24
C GLY C 102 27.44 -29.97 -46.80
N ASP C 103 27.27 -30.49 -45.58
CA ASP C 103 25.93 -30.73 -45.06
C ASP C 103 25.47 -29.60 -44.14
N GLN C 104 24.17 -29.54 -43.90
CA GLN C 104 23.61 -28.60 -42.96
C GLN C 104 23.82 -29.11 -41.53
N PRO C 105 24.47 -28.30 -40.68
CA PRO C 105 24.65 -28.71 -39.29
C PRO C 105 23.32 -28.81 -38.55
N LEU C 106 23.26 -29.65 -37.52
CA LEU C 106 22.07 -29.77 -36.68
C LEU C 106 21.97 -28.56 -35.75
N SER C 107 23.11 -28.00 -35.37
CA SER C 107 23.17 -26.85 -34.48
C SER C 107 22.32 -27.04 -33.22
N ALA C 108 22.32 -28.25 -32.66
CA ALA C 108 21.46 -28.56 -31.51
C ALA C 108 21.74 -27.64 -30.32
N GLU C 109 23.02 -27.43 -30.01
CA GLU C 109 23.38 -26.61 -28.87
C GLU C 109 22.97 -25.15 -29.05
N LEU C 110 23.24 -24.62 -30.24
CA LEU C 110 22.81 -23.27 -30.60
C LEU C 110 21.30 -23.10 -30.50
N LYS C 111 20.55 -24.04 -31.06
CA LYS C 111 19.09 -23.96 -31.04
C LYS C 111 18.55 -24.01 -29.61
N ARG C 112 19.09 -24.92 -28.81
CA ARG C 112 18.70 -25.00 -27.42
C ARG C 112 19.03 -23.73 -26.64
N PHE C 113 20.22 -23.17 -26.86
CA PHE C 113 20.61 -21.96 -26.16
C PHE C 113 19.69 -20.79 -26.52
N ARG C 114 19.34 -20.67 -27.80
CA ARG C 114 18.37 -19.67 -28.25
C ARG C 114 17.02 -19.85 -27.57
N LYS C 115 16.53 -21.08 -27.58
CA LYS C 115 15.20 -21.38 -27.07
C LYS C 115 15.09 -21.28 -25.55
N GLU C 116 16.14 -21.67 -24.84
CA GLU C 116 16.05 -21.79 -23.39
C GLU C 116 16.85 -20.75 -22.62
N TYR C 117 17.71 -19.99 -23.28
CA TYR C 117 18.42 -18.93 -22.59
C TYR C 117 18.10 -17.57 -23.19
N ILE C 118 18.45 -17.38 -24.46
CA ILE C 118 18.35 -16.07 -25.07
C ILE C 118 16.91 -15.56 -25.14
N GLN C 119 16.00 -16.35 -25.68
CA GLN C 119 14.63 -15.88 -25.84
C GLN C 119 13.93 -15.62 -24.50
N PRO C 120 14.09 -16.52 -23.50
CA PRO C 120 13.49 -16.16 -22.21
C PRO C 120 14.13 -14.93 -21.56
N VAL C 121 15.45 -14.81 -21.58
CA VAL C 121 16.08 -13.66 -20.96
C VAL C 121 15.67 -12.36 -21.67
N GLN C 122 15.69 -12.38 -23.00
CA GLN C 122 15.33 -11.19 -23.77
C GLN C 122 13.86 -10.82 -23.52
N LEU C 123 12.97 -11.80 -23.49
CA LEU C 123 11.57 -11.50 -23.23
C LEU C 123 11.38 -10.93 -21.84
N ARG C 124 12.16 -11.40 -20.89
CA ARG C 124 12.01 -10.94 -19.53
C ARG C 124 12.60 -9.55 -19.37
N VAL C 125 13.62 -9.24 -20.16
CA VAL C 125 14.11 -7.86 -20.24
C VAL C 125 13.02 -6.95 -20.80
N LEU C 126 12.35 -7.40 -21.86
CA LEU C 126 11.26 -6.63 -22.42
C LEU C 126 10.11 -6.49 -21.43
N ASN C 127 9.88 -7.52 -20.63
CA ASN C 127 8.85 -7.43 -19.60
C ASN C 127 9.22 -6.38 -18.54
N VAL C 128 10.51 -6.27 -18.23
CA VAL C 128 10.95 -5.23 -17.33
C VAL C 128 10.67 -3.86 -17.96
N CYS C 129 11.01 -3.71 -19.23
CA CYS C 129 10.72 -2.46 -19.94
C CYS C 129 9.23 -2.12 -19.94
N ARG C 130 8.41 -3.13 -20.18
CA ARG C 130 6.96 -2.95 -20.26
C ARG C 130 6.38 -2.47 -18.93
N HIS C 131 6.79 -3.13 -17.85
CA HIS C 131 6.34 -2.77 -16.51
C HIS C 131 6.84 -1.39 -16.10
N TRP C 132 8.08 -1.11 -16.48
CA TRP C 132 8.73 0.17 -16.20
C TRP C 132 7.88 1.28 -16.80
N VAL C 133 7.58 1.15 -18.08
CA VAL C 133 6.82 2.14 -18.81
C VAL C 133 5.38 2.24 -18.33
N GLU C 134 4.73 1.10 -18.10
CA GLU C 134 3.33 1.11 -17.73
C GLU C 134 3.07 1.55 -16.30
N HIS C 135 3.97 1.19 -15.38
CA HIS C 135 3.67 1.36 -13.98
C HIS C 135 4.64 2.24 -13.23
N HIS C 136 5.71 2.66 -13.89
CA HIS C 136 6.69 3.53 -13.25
C HIS C 136 7.15 4.60 -14.21
N PHE C 137 6.19 5.14 -14.95
CA PHE C 137 6.48 6.05 -16.03
C PHE C 137 7.08 7.37 -15.55
N TYR C 138 7.00 7.65 -14.26
CA TYR C 138 7.53 8.91 -13.75
C TYR C 138 9.03 9.08 -13.98
N ASP C 139 9.79 7.99 -14.04
CA ASP C 139 11.22 8.08 -14.39
C ASP C 139 11.38 8.81 -15.73
N PHE C 140 10.52 8.46 -16.65
CA PHE C 140 10.54 9.02 -18.00
C PHE C 140 9.92 10.41 -18.07
N GLU C 141 8.92 10.68 -17.22
CA GLU C 141 8.33 12.01 -17.17
C GLU C 141 9.36 13.01 -16.66
N ARG C 142 10.20 12.58 -15.74
CA ARG C 142 11.17 13.46 -15.09
C ARG C 142 12.52 13.54 -15.81
N ASP C 143 12.73 12.65 -16.77
CA ASP C 143 13.99 12.60 -17.53
C ASP C 143 13.70 12.25 -18.99
N ALA C 144 13.59 13.27 -19.83
CA ALA C 144 13.17 13.07 -21.21
C ALA C 144 14.19 12.28 -22.01
N TYR C 145 15.46 12.41 -21.65
CA TYR C 145 16.54 11.70 -22.33
C TYR C 145 16.46 10.20 -22.04
N LEU C 146 16.12 9.85 -20.81
CA LEU C 146 15.84 8.47 -20.46
C LEU C 146 14.79 7.86 -21.38
N LEU C 147 13.71 8.61 -21.61
CA LEU C 147 12.65 8.13 -22.47
C LEU C 147 13.13 7.97 -23.92
N GLN C 148 13.94 8.91 -24.39
CA GLN C 148 14.51 8.82 -25.73
C GLN C 148 15.33 7.55 -25.85
N ARG C 149 16.15 7.27 -24.85
CA ARG C 149 16.96 6.05 -24.84
C ARG C 149 16.07 4.78 -24.88
N MET C 150 14.98 4.78 -24.12
CA MET C 150 14.09 3.63 -24.12
C MET C 150 13.41 3.42 -25.47
N GLU C 151 12.92 4.50 -26.06
CA GLU C 151 12.27 4.45 -27.37
C GLU C 151 13.23 3.92 -28.44
N GLU C 152 14.47 4.37 -28.36
CA GLU C 152 15.53 3.96 -29.28
C GLU C 152 15.86 2.49 -29.13
N PHE C 153 16.02 2.05 -27.89
CA PHE C 153 16.34 0.66 -27.63
C PHE C 153 15.22 -0.25 -28.16
N ILE C 154 13.99 0.01 -27.74
CA ILE C 154 12.86 -0.80 -28.14
C ILE C 154 12.66 -0.76 -29.65
N GLY C 155 12.78 0.43 -30.22
CA GLY C 155 12.53 0.65 -31.63
C GLY C 155 13.56 0.06 -32.56
N THR C 156 14.68 -0.40 -32.02
CA THR C 156 15.71 -1.02 -32.85
C THR C 156 16.00 -2.48 -32.47
N VAL C 157 15.11 -3.09 -31.70
CA VAL C 157 15.21 -4.54 -31.47
C VAL C 157 14.76 -5.26 -32.74
N ARG C 158 15.64 -6.11 -33.26
CA ARG C 158 15.35 -6.83 -34.50
C ARG C 158 15.06 -8.29 -34.20
N GLY C 159 14.52 -9.01 -35.16
CA GLY C 159 14.26 -10.42 -34.92
C GLY C 159 12.80 -10.66 -34.68
N LYS C 160 12.29 -11.74 -35.26
CA LYS C 160 10.86 -11.92 -35.30
C LYS C 160 10.33 -12.54 -34.03
N ALA C 161 11.21 -13.15 -33.23
CA ALA C 161 10.78 -13.75 -31.97
C ALA C 161 10.27 -12.69 -30.99
N MET C 162 10.90 -11.52 -30.97
CA MET C 162 10.53 -10.43 -30.06
C MET C 162 9.56 -9.44 -30.69
N LYS C 163 9.36 -9.56 -32.00
CA LYS C 163 8.64 -8.55 -32.78
C LYS C 163 7.29 -8.11 -32.21
N LYS C 164 6.48 -9.06 -31.76
CA LYS C 164 5.14 -8.73 -31.30
C LYS C 164 5.18 -7.79 -30.10
N TRP C 165 6.12 -8.04 -29.19
CA TRP C 165 6.19 -7.27 -27.96
C TRP C 165 6.90 -5.94 -28.16
N VAL C 166 7.89 -5.93 -29.05
CA VAL C 166 8.55 -4.70 -29.43
C VAL C 166 7.56 -3.71 -30.04
N GLU C 167 6.76 -4.19 -30.97
CA GLU C 167 5.78 -3.32 -31.61
C GLU C 167 4.74 -2.87 -30.59
N SER C 168 4.38 -3.77 -29.69
CA SER C 168 3.43 -3.42 -28.63
C SER C 168 3.99 -2.37 -27.69
N ILE C 169 5.20 -2.60 -27.19
CA ILE C 169 5.80 -1.67 -26.24
C ILE C 169 6.02 -0.29 -26.86
N THR C 170 6.34 -0.25 -28.15
CA THR C 170 6.45 1.02 -28.86
C THR C 170 5.12 1.80 -28.79
N LYS C 171 4.01 1.11 -29.01
CA LYS C 171 2.71 1.77 -28.95
C LYS C 171 2.33 2.21 -27.54
N ILE C 172 2.65 1.37 -26.57
CA ILE C 172 2.36 1.67 -25.17
C ILE C 172 3.07 2.95 -24.74
N ILE C 173 4.35 3.06 -25.10
CA ILE C 173 5.11 4.27 -24.80
C ILE C 173 4.47 5.50 -25.43
N GLN C 174 4.07 5.39 -26.69
CA GLN C 174 3.47 6.53 -27.37
C GLN C 174 2.16 6.95 -26.70
N ARG C 175 1.35 5.97 -26.34
CA ARG C 175 0.11 6.22 -25.58
C ARG C 175 0.36 6.92 -24.26
N LYS C 176 1.34 6.41 -23.52
CA LYS C 176 1.70 6.94 -22.21
C LYS C 176 2.15 8.39 -22.28
N LYS C 177 2.78 8.77 -23.38
CA LYS C 177 3.28 10.13 -23.53
C LYS C 177 2.13 11.14 -23.58
N ILE C 178 1.07 10.83 -24.30
CA ILE C 178 -0.04 11.77 -24.45
C ILE C 178 -1.15 11.55 -23.43
N ALA C 179 -0.83 10.83 -22.36
CA ALA C 179 -1.81 10.52 -21.32
C ALA C 179 -1.84 11.60 -20.25
N ASN C 187 -13.57 4.65 -16.61
CA ASN C 187 -14.59 3.81 -17.22
C ASN C 187 -14.79 2.53 -16.41
N ILE C 188 -15.91 2.46 -15.69
CA ILE C 188 -16.13 1.38 -14.73
C ILE C 188 -17.45 0.63 -15.00
N THR C 189 -17.39 -0.69 -14.92
CA THR C 189 -18.59 -1.53 -15.03
C THR C 189 -18.92 -2.14 -13.68
N PHE C 190 -20.20 -2.24 -13.31
CA PHE C 190 -20.54 -2.81 -11.99
C PHE C 190 -21.39 -4.11 -11.95
N GLN C 191 -22.39 -4.29 -12.82
CA GLN C 191 -23.10 -3.25 -13.53
C GLN C 191 -24.43 -3.07 -12.81
N SER C 192 -24.47 -3.55 -11.56
CA SER C 192 -25.52 -3.20 -10.62
C SER C 192 -25.51 -1.70 -10.39
N SER C 193 -26.69 -1.08 -10.32
CA SER C 193 -26.74 0.37 -10.17
C SER C 193 -26.46 0.81 -8.73
N PRO C 194 -25.82 1.97 -8.57
CA PRO C 194 -25.60 2.57 -7.25
C PRO C 194 -26.91 3.01 -6.61
N PRO C 195 -26.95 3.04 -5.28
CA PRO C 195 -28.19 3.45 -4.61
C PRO C 195 -28.55 4.90 -4.90
N THR C 196 -29.81 5.23 -4.67
CA THR C 196 -30.30 6.58 -4.89
C THR C 196 -29.66 7.55 -3.90
N VAL C 197 -29.24 8.71 -4.39
CA VAL C 197 -28.74 9.78 -3.54
C VAL C 197 -29.82 10.24 -2.55
N GLU C 198 -29.47 10.36 -1.28
CA GLU C 198 -30.44 10.74 -0.26
C GLU C 198 -30.35 12.20 0.17
N TRP C 199 -31.51 12.83 0.33
CA TRP C 199 -31.60 14.23 0.73
C TRP C 199 -32.39 14.43 2.01
N HIS C 200 -32.00 15.42 2.80
CA HIS C 200 -32.63 15.73 4.08
C HIS C 200 -33.21 17.15 4.02
N ILE C 201 -32.72 18.06 4.86
CA ILE C 201 -33.26 19.42 4.90
C ILE C 201 -32.79 20.21 3.68
N SER C 202 -31.49 20.22 3.43
CA SER C 202 -30.99 20.84 2.20
C SER C 202 -31.47 20.04 1.00
N ARG C 203 -32.00 20.74 0.01
CA ARG C 203 -32.50 20.10 -1.20
C ARG C 203 -31.50 20.30 -2.36
N PRO C 204 -31.61 19.48 -3.42
CA PRO C 204 -30.68 19.53 -4.53
C PRO C 204 -30.48 20.94 -5.09
N GLY C 205 -29.22 21.34 -5.30
CA GLY C 205 -28.92 22.65 -5.85
C GLY C 205 -28.86 23.78 -4.85
N HIS C 206 -29.27 23.53 -3.61
CA HIS C 206 -29.27 24.58 -2.59
C HIS C 206 -28.02 24.53 -1.72
N ILE C 207 -26.88 24.68 -2.37
CA ILE C 207 -25.58 24.54 -1.74
C ILE C 207 -25.36 25.48 -0.56
N GLU C 208 -26.06 26.63 -0.57
CA GLU C 208 -25.93 27.63 0.48
C GLU C 208 -26.38 27.13 1.84
N THR C 209 -27.25 26.12 1.84
CA THR C 209 -27.79 25.58 3.08
C THR C 209 -27.05 24.33 3.57
N PHE C 210 -26.16 23.78 2.73
CA PHE C 210 -25.40 22.57 3.09
C PHE C 210 -24.66 22.77 4.41
N ASP C 211 -24.79 21.79 5.31
CA ASP C 211 -24.11 21.82 6.59
C ASP C 211 -24.23 20.42 7.21
N LEU C 212 -23.53 20.20 8.31
CA LEU C 212 -23.51 18.92 9.00
C LEU C 212 -24.91 18.33 9.25
N LEU C 213 -25.83 19.17 9.72
CA LEU C 213 -27.16 18.69 10.12
C LEU C 213 -28.20 18.77 9.01
N THR C 214 -27.92 19.52 7.95
CA THR C 214 -28.92 19.74 6.91
C THR C 214 -28.75 18.78 5.73
N LEU C 215 -27.53 18.32 5.48
CA LEU C 215 -27.32 17.24 4.52
C LEU C 215 -27.75 15.91 5.18
N HIS C 216 -28.11 14.93 4.37
CA HIS C 216 -28.48 13.63 4.90
C HIS C 216 -27.21 12.94 5.40
N PRO C 217 -27.21 12.43 6.64
CA PRO C 217 -26.01 11.81 7.20
C PRO C 217 -25.53 10.63 6.36
N ILE C 218 -26.46 9.88 5.77
CA ILE C 218 -26.07 8.81 4.84
C ILE C 218 -25.26 9.37 3.68
N GLU C 219 -25.71 10.49 3.13
CA GLU C 219 -25.11 11.02 1.93
C GLU C 219 -23.81 11.74 2.25
N ILE C 220 -23.72 12.29 3.46
CA ILE C 220 -22.45 12.87 3.90
C ILE C 220 -21.39 11.78 3.91
N ALA C 221 -21.71 10.65 4.52
CA ALA C 221 -20.77 9.55 4.61
C ALA C 221 -20.44 8.97 3.24
N ARG C 222 -21.42 8.89 2.34
CA ARG C 222 -21.16 8.38 0.99
C ARG C 222 -20.23 9.27 0.19
N GLN C 223 -20.49 10.58 0.20
CA GLN C 223 -19.73 11.51 -0.62
C GLN C 223 -18.32 11.70 -0.05
N LEU C 224 -18.20 11.70 1.27
CA LEU C 224 -16.87 11.74 1.87
C LEU C 224 -16.11 10.45 1.55
N THR C 225 -16.82 9.33 1.46
CA THR C 225 -16.15 8.07 1.16
C THR C 225 -15.66 8.05 -0.30
N LEU C 226 -16.46 8.58 -1.22
CA LEU C 226 -16.02 8.70 -2.61
C LEU C 226 -14.80 9.60 -2.70
N LEU C 227 -14.85 10.73 -2.00
CA LEU C 227 -13.75 11.68 -1.97
C LEU C 227 -12.48 11.05 -1.38
N GLU C 228 -12.64 10.43 -0.23
CA GLU C 228 -11.52 9.81 0.47
C GLU C 228 -10.96 8.58 -0.29
N SER C 229 -11.83 7.86 -0.99
CA SER C 229 -11.40 6.75 -1.83
C SER C 229 -10.56 7.26 -3.01
N ASP C 230 -11.05 8.29 -3.69
CA ASP C 230 -10.29 8.93 -4.77
C ASP C 230 -8.91 9.42 -4.29
N LEU C 231 -8.86 10.06 -3.13
CA LEU C 231 -7.59 10.55 -2.60
C LEU C 231 -6.65 9.39 -2.26
N TYR C 232 -7.20 8.34 -1.68
CA TYR C 232 -6.43 7.14 -1.36
C TYR C 232 -5.87 6.49 -2.64
N ARG C 233 -6.72 6.34 -3.65
CA ARG C 233 -6.34 5.67 -4.89
C ARG C 233 -5.33 6.46 -5.70
N ALA C 234 -5.17 7.75 -5.42
CA ALA C 234 -4.28 8.58 -6.24
C ALA C 234 -2.81 8.54 -5.80
N VAL C 235 -2.54 7.96 -4.64
CA VAL C 235 -1.17 7.95 -4.10
C VAL C 235 -0.33 6.90 -4.79
N GLN C 236 0.77 7.33 -5.40
CA GLN C 236 1.70 6.43 -6.08
C GLN C 236 2.88 6.03 -5.20
N PRO C 237 3.45 4.85 -5.45
CA PRO C 237 4.61 4.42 -4.66
C PRO C 237 5.77 5.43 -4.73
N SER C 238 5.89 6.18 -5.82
CA SER C 238 6.94 7.19 -5.94
C SER C 238 6.85 8.24 -4.81
N GLU C 239 5.66 8.38 -4.22
CA GLU C 239 5.47 9.36 -3.15
C GLU C 239 5.90 8.81 -1.80
N LEU C 240 6.23 7.51 -1.78
CA LEU C 240 6.48 6.79 -0.53
C LEU C 240 7.92 6.27 -0.38
N VAL C 241 8.47 5.66 -1.44
CA VAL C 241 9.81 5.08 -1.33
C VAL C 241 10.84 6.16 -1.02
N GLY C 242 11.83 5.82 -0.21
CA GLY C 242 12.81 6.80 0.24
C GLY C 242 12.29 7.75 1.32
N SER C 243 11.09 7.48 1.83
CA SER C 243 10.47 8.30 2.88
C SER C 243 10.35 9.77 2.49
N VAL C 244 10.13 10.03 1.22
CA VAL C 244 10.21 11.39 0.69
C VAL C 244 9.09 12.33 1.18
N TRP C 245 8.00 11.78 1.72
CA TRP C 245 6.91 12.62 2.26
C TRP C 245 7.28 13.29 3.62
N THR C 246 8.40 12.82 4.18
CA THR C 246 8.92 13.38 5.43
C THR C 246 10.06 14.39 5.21
N LYS C 247 10.57 14.47 3.98
CA LYS C 247 11.76 15.27 3.73
C LYS C 247 11.43 16.68 3.21
N GLU C 248 12.46 17.50 3.03
CA GLU C 248 12.28 18.91 2.69
C GLU C 248 11.49 19.13 1.40
N ASP C 249 11.60 18.21 0.46
CA ASP C 249 10.92 18.35 -0.84
C ASP C 249 9.58 17.60 -0.89
N LYS C 250 8.98 17.33 0.27
CA LYS C 250 7.76 16.54 0.33
C LYS C 250 6.60 17.10 -0.50
N GLU C 251 6.50 18.42 -0.64
CA GLU C 251 5.41 19.00 -1.43
C GLU C 251 5.59 18.69 -2.92
N ILE C 252 6.84 18.55 -3.32
CA ILE C 252 7.17 18.22 -4.70
C ILE C 252 6.97 16.74 -4.96
N ASN C 253 7.47 15.91 -4.04
CA ASN C 253 7.55 14.48 -4.26
C ASN C 253 6.32 13.72 -3.79
N SER C 254 5.58 14.28 -2.86
CA SER C 254 4.42 13.53 -2.31
C SER C 254 3.08 14.32 -2.31
N PRO C 255 2.74 14.99 -3.42
CA PRO C 255 1.61 15.92 -3.36
C PRO C 255 0.26 15.23 -3.18
N ASN C 256 0.08 14.04 -3.74
CA ASN C 256 -1.18 13.33 -3.58
C ASN C 256 -1.35 12.78 -2.16
N LEU C 257 -0.29 12.22 -1.61
CA LEU C 257 -0.32 11.78 -0.22
C LEU C 257 -0.67 12.94 0.70
N LEU C 258 0.00 14.07 0.54
CA LEU C 258 -0.24 15.21 1.41
C LEU C 258 -1.66 15.78 1.24
N LYS C 259 -2.18 15.76 0.01
CA LYS C 259 -3.56 16.21 -0.23
C LYS C 259 -4.54 15.32 0.53
N MET C 260 -4.29 14.02 0.44
CA MET C 260 -5.09 13.04 1.16
C MET C 260 -5.06 13.31 2.67
N ILE C 261 -3.87 13.45 3.24
CA ILE C 261 -3.76 13.66 4.68
C ILE C 261 -4.40 14.98 5.12
N ARG C 262 -4.22 16.02 4.32
CA ARG C 262 -4.79 17.32 4.68
C ARG C 262 -6.32 17.30 4.64
N HIS C 263 -6.90 16.52 3.73
CA HIS C 263 -8.34 16.31 3.76
C HIS C 263 -8.78 15.69 5.09
N THR C 264 -8.11 14.61 5.48
CA THR C 264 -8.42 13.90 6.71
C THR C 264 -8.33 14.84 7.93
N THR C 265 -7.25 15.61 7.99
CA THR C 265 -7.05 16.59 9.04
C THR C 265 -8.17 17.63 9.06
N ASN C 266 -8.52 18.17 7.89
CA ASN C 266 -9.57 19.17 7.79
C ASN C 266 -10.93 18.67 8.27
N LEU C 267 -11.25 17.43 7.94
CA LEU C 267 -12.54 16.88 8.33
C LEU C 267 -12.60 16.67 9.84
N THR C 268 -11.53 16.16 10.41
CA THR C 268 -11.45 15.99 11.84
C THR C 268 -11.65 17.36 12.54
N LEU C 269 -10.95 18.38 12.06
CA LEU C 269 -11.08 19.71 12.63
C LEU C 269 -12.48 20.28 12.42
N TRP C 270 -13.09 19.98 11.28
CA TRP C 270 -14.45 20.43 11.01
C TRP C 270 -15.43 19.84 12.02
N PHE C 271 -15.30 18.54 12.30
CA PHE C 271 -16.11 17.88 13.30
C PHE C 271 -15.96 18.55 14.67
N GLU C 272 -14.72 18.80 15.07
CA GLU C 272 -14.46 19.45 16.36
C GLU C 272 -15.09 20.84 16.41
N LYS C 273 -14.95 21.57 15.31
CA LYS C 273 -15.49 22.91 15.19
C LYS C 273 -17.02 22.91 15.27
N CYS C 274 -17.66 22.02 14.51
CA CYS C 274 -19.11 21.88 14.57
C CYS C 274 -19.57 21.62 16.01
N ILE C 275 -18.82 20.81 16.74
CA ILE C 275 -19.20 20.47 18.10
C ILE C 275 -19.05 21.66 19.05
N VAL C 276 -17.85 22.22 19.15
CA VAL C 276 -17.62 23.26 20.16
C VAL C 276 -18.23 24.62 19.82
N GLU C 277 -18.56 24.87 18.54
CA GLU C 277 -19.24 26.11 18.20
C GLU C 277 -20.76 26.00 18.37
N THR C 278 -21.23 24.82 18.72
CA THR C 278 -22.64 24.63 19.06
C THR C 278 -22.73 24.74 20.57
N GLU C 279 -23.03 25.95 21.05
CA GLU C 279 -22.93 26.25 22.48
C GLU C 279 -24.07 25.69 23.33
N ASN C 280 -25.25 25.61 22.74
CA ASN C 280 -26.41 25.00 23.40
C ASN C 280 -26.20 23.49 23.60
N LEU C 281 -26.30 23.02 24.84
CA LEU C 281 -26.03 21.62 25.16
C LEU C 281 -26.90 20.65 24.35
N GLU C 282 -28.21 20.91 24.30
CA GLU C 282 -29.13 20.04 23.57
C GLU C 282 -28.76 19.99 22.08
N GLU C 283 -28.46 21.13 21.49
CA GLU C 283 -28.09 21.17 20.07
C GLU C 283 -26.74 20.48 19.86
N ARG C 284 -25.82 20.64 20.80
CA ARG C 284 -24.51 20.03 20.68
C ARG C 284 -24.59 18.51 20.74
N VAL C 285 -25.48 18.01 21.59
CA VAL C 285 -25.75 16.59 21.67
C VAL C 285 -26.25 16.06 20.31
N ALA C 286 -27.14 16.82 19.67
CA ALA C 286 -27.61 16.46 18.34
C ALA C 286 -26.48 16.43 17.31
N VAL C 287 -25.54 17.36 17.43
CA VAL C 287 -24.38 17.41 16.55
C VAL C 287 -23.50 16.18 16.73
N VAL C 288 -23.16 15.85 17.97
CA VAL C 288 -22.35 14.67 18.23
C VAL C 288 -23.06 13.39 17.78
N SER C 289 -24.37 13.28 18.07
CA SER C 289 -25.13 12.09 17.65
C SER C 289 -25.10 11.93 16.15
N ARG C 290 -25.25 13.03 15.43
CA ARG C 290 -25.21 13.00 13.98
C ARG C 290 -23.84 12.53 13.48
N ILE C 291 -22.77 12.97 14.14
CA ILE C 291 -21.43 12.60 13.73
C ILE C 291 -21.18 11.09 13.94
N ILE C 292 -21.71 10.56 15.03
CA ILE C 292 -21.61 9.13 15.32
C ILE C 292 -22.46 8.30 14.33
N GLU C 293 -23.57 8.85 13.89
CA GLU C 293 -24.32 8.21 12.81
C GLU C 293 -23.50 8.16 11.49
N ILE C 294 -22.79 9.23 11.18
CA ILE C 294 -21.91 9.26 10.02
C ILE C 294 -20.81 8.22 10.19
N LEU C 295 -20.25 8.14 11.38
CA LEU C 295 -19.27 7.10 11.73
C LEU C 295 -19.82 5.70 11.41
N GLN C 296 -21.07 5.46 11.78
CA GLN C 296 -21.71 4.17 11.55
C GLN C 296 -21.78 3.86 10.06
N VAL C 297 -22.09 4.85 9.25
CA VAL C 297 -22.14 4.61 7.81
C VAL C 297 -20.73 4.40 7.24
N PHE C 298 -19.74 5.17 7.73
CA PHE C 298 -18.34 4.91 7.41
C PHE C 298 -17.95 3.44 7.67
N GLN C 299 -18.34 2.91 8.83
CA GLN C 299 -18.09 1.51 9.16
C GLN C 299 -18.76 0.58 8.14
N GLU C 300 -20.02 0.84 7.83
CA GLU C 300 -20.74 -0.01 6.87
C GLU C 300 -20.07 -0.01 5.50
N LEU C 301 -19.46 1.13 5.14
CA LEU C 301 -18.80 1.28 3.85
C LEU C 301 -17.34 0.84 3.84
N ASN C 302 -16.83 0.35 4.97
CA ASN C 302 -15.41 0.02 5.12
C ASN C 302 -14.51 1.22 4.83
N ASN C 303 -14.98 2.44 5.13
CA ASN C 303 -14.12 3.61 5.04
C ASN C 303 -13.42 3.83 6.37
N PHE C 304 -12.28 3.18 6.54
CA PHE C 304 -11.58 3.23 7.82
C PHE C 304 -10.90 4.58 8.03
N ASN C 305 -10.54 5.26 6.96
CA ASN C 305 -10.05 6.62 7.09
C ASN C 305 -11.12 7.50 7.74
N GLY C 306 -12.35 7.39 7.25
CA GLY C 306 -13.48 8.12 7.78
C GLY C 306 -13.73 7.80 9.24
N VAL C 307 -13.73 6.52 9.59
CA VAL C 307 -13.87 6.07 10.97
C VAL C 307 -12.86 6.78 11.89
N LEU C 308 -11.60 6.77 11.51
CA LEU C 308 -10.58 7.37 12.37
C LEU C 308 -10.65 8.90 12.39
N GLU C 309 -11.12 9.49 11.29
CA GLU C 309 -11.38 10.94 11.24
C GLU C 309 -12.32 11.32 12.37
N VAL C 310 -13.35 10.51 12.56
CA VAL C 310 -14.35 10.79 13.59
C VAL C 310 -13.80 10.47 14.97
N VAL C 311 -13.20 9.31 15.13
CA VAL C 311 -12.61 8.92 16.40
C VAL C 311 -11.55 9.93 16.87
N SER C 312 -10.69 10.39 15.97
CA SER C 312 -9.71 11.40 16.33
C SER C 312 -10.36 12.70 16.86
N ALA C 313 -11.48 13.08 16.26
CA ALA C 313 -12.20 14.27 16.71
C ALA C 313 -12.75 14.07 18.12
N MET C 314 -13.31 12.89 18.39
CA MET C 314 -13.89 12.61 19.70
C MET C 314 -12.84 12.46 20.79
N ASN C 315 -11.62 12.09 20.42
CA ASN C 315 -10.52 12.00 21.38
C ASN C 315 -9.69 13.28 21.48
N SER C 316 -10.05 14.29 20.71
CA SER C 316 -9.29 15.54 20.75
C SER C 316 -9.54 16.27 22.07
N SER C 317 -8.58 17.08 22.48
CA SER C 317 -8.67 17.84 23.72
C SER C 317 -9.94 18.69 23.87
N PRO C 318 -10.34 19.45 22.84
CA PRO C 318 -11.55 20.26 23.00
C PRO C 318 -12.81 19.41 23.18
N VAL C 319 -12.90 18.29 22.49
CA VAL C 319 -14.13 17.50 22.52
C VAL C 319 -14.15 16.51 23.67
N TYR C 320 -13.03 15.85 23.91
CA TYR C 320 -12.96 14.77 24.89
C TYR C 320 -13.48 15.19 26.26
N ARG C 321 -13.24 16.44 26.63
CA ARG C 321 -13.54 16.90 28.00
C ARG C 321 -15.01 17.27 28.23
N LEU C 322 -15.84 17.17 27.21
CA LEU C 322 -17.23 17.59 27.30
C LEU C 322 -18.14 16.57 27.99
N ASP C 323 -17.92 16.39 29.29
CA ASP C 323 -18.67 15.45 30.12
C ASP C 323 -20.19 15.54 29.99
N HIS C 324 -20.71 16.74 29.94
CA HIS C 324 -22.17 16.94 29.92
C HIS C 324 -22.76 16.48 28.59
N THR C 325 -22.01 16.67 27.52
CA THR C 325 -22.43 16.22 26.21
C THR C 325 -22.43 14.69 26.16
N PHE C 326 -21.35 14.09 26.64
CA PHE C 326 -21.22 12.64 26.68
C PHE C 326 -22.35 12.00 27.47
N GLU C 327 -22.71 12.60 28.61
CA GLU C 327 -23.78 12.06 29.46
C GLU C 327 -25.09 11.86 28.72
N GLN C 328 -25.37 12.69 27.73
CA GLN C 328 -26.64 12.60 27.04
C GLN C 328 -26.61 11.84 25.72
N ILE C 329 -25.44 11.34 25.31
CA ILE C 329 -25.40 10.52 24.10
C ILE C 329 -26.06 9.17 24.39
N PRO C 330 -26.99 8.72 23.51
CA PRO C 330 -27.65 7.44 23.73
C PRO C 330 -26.65 6.29 23.85
N SER C 331 -27.00 5.31 24.67
CA SER C 331 -26.13 4.18 24.93
C SER C 331 -25.71 3.44 23.64
N ARG C 332 -26.62 3.29 22.69
CA ARG C 332 -26.31 2.54 21.48
C ARG C 332 -25.25 3.27 20.65
N GLN C 333 -25.19 4.59 20.78
CA GLN C 333 -24.20 5.36 20.04
C GLN C 333 -22.86 5.37 20.75
N LYS C 334 -22.91 5.38 22.09
CA LYS C 334 -21.70 5.17 22.85
C LYS C 334 -21.02 3.87 22.46
N LYS C 335 -21.81 2.81 22.27
CA LYS C 335 -21.27 1.50 21.90
C LYS C 335 -20.61 1.55 20.52
N ILE C 336 -21.26 2.24 19.59
CA ILE C 336 -20.72 2.41 18.24
C ILE C 336 -19.37 3.13 18.28
N LEU C 337 -19.32 4.23 19.03
CA LEU C 337 -18.10 5.00 19.18
C LEU C 337 -17.01 4.17 19.84
N GLU C 338 -17.37 3.43 20.87
CA GLU C 338 -16.43 2.57 21.57
C GLU C 338 -15.85 1.48 20.64
N GLU C 339 -16.70 0.83 19.86
CA GLU C 339 -16.20 -0.20 18.96
C GLU C 339 -15.22 0.37 17.93
N ALA C 340 -15.53 1.55 17.41
CA ALA C 340 -14.64 2.23 16.46
C ALA C 340 -13.31 2.57 17.12
N HIS C 341 -13.35 3.10 18.32
CA HIS C 341 -12.12 3.43 19.04
C HIS C 341 -11.26 2.21 19.30
N GLU C 342 -11.89 1.08 19.58
CA GLU C 342 -11.17 -0.13 19.94
C GLU C 342 -10.34 -0.66 18.77
N LEU C 343 -10.71 -0.27 17.55
CA LEU C 343 -9.92 -0.60 16.36
C LEU C 343 -8.49 -0.12 16.50
N SER C 344 -8.31 1.03 17.13
CA SER C 344 -7.00 1.66 17.17
C SER C 344 -6.19 1.22 18.39
N GLU C 345 -6.83 0.50 19.31
CA GLU C 345 -6.16 0.08 20.55
C GLU C 345 -5.08 -0.96 20.28
N ASP C 346 -4.07 -1.01 21.15
CA ASP C 346 -2.98 -1.98 21.04
C ASP C 346 -2.30 -1.90 19.67
N HIS C 347 -1.92 -0.69 19.27
CA HIS C 347 -1.24 -0.46 18.00
C HIS C 347 -2.07 -1.00 16.84
N TYR C 348 -3.34 -0.61 16.82
CA TYR C 348 -4.25 -0.91 15.71
C TYR C 348 -4.49 -2.40 15.47
N LYS C 349 -4.36 -3.20 16.51
CA LYS C 349 -4.53 -4.64 16.38
C LYS C 349 -5.86 -5.03 15.72
N LYS C 350 -6.98 -4.52 16.24
CA LYS C 350 -8.27 -4.90 15.67
C LYS C 350 -8.50 -4.25 14.31
N TYR C 351 -8.00 -3.04 14.11
CA TYR C 351 -8.06 -2.44 12.78
C TYR C 351 -7.41 -3.36 11.73
N LEU C 352 -6.19 -3.80 12.01
CA LEU C 352 -5.41 -4.59 11.04
C LEU C 352 -6.12 -5.91 10.71
N ALA C 353 -6.66 -6.55 11.74
CA ALA C 353 -7.44 -7.76 11.57
C ALA C 353 -8.69 -7.49 10.75
N LYS C 354 -9.36 -6.36 11.01
CA LYS C 354 -10.59 -6.05 10.31
C LYS C 354 -10.33 -5.75 8.84
N LEU C 355 -9.30 -4.95 8.57
CA LEU C 355 -8.95 -4.60 7.20
C LEU C 355 -8.70 -5.87 6.37
N ARG C 356 -8.05 -6.84 6.99
CA ARG C 356 -7.71 -8.08 6.30
C ARG C 356 -8.88 -9.05 6.19
N SER C 357 -10.01 -8.71 6.81
CA SER C 357 -11.14 -9.62 6.75
C SER C 357 -12.30 -9.10 5.88
N ILE C 358 -12.39 -7.80 5.67
CA ILE C 358 -13.56 -7.28 4.97
C ILE C 358 -13.52 -7.57 3.46
N ASN C 359 -14.66 -7.34 2.82
CA ASN C 359 -14.80 -7.44 1.39
C ASN C 359 -14.69 -6.06 0.80
N PRO C 360 -13.63 -5.80 0.02
CA PRO C 360 -13.48 -4.47 -0.57
C PRO C 360 -14.64 -4.15 -1.51
N PRO C 361 -14.82 -2.88 -1.90
CA PRO C 361 -13.95 -1.72 -1.68
C PRO C 361 -13.83 -1.26 -0.22
N CYS C 362 -12.68 -0.70 0.12
CA CYS C 362 -12.49 -0.05 1.40
C CYS C 362 -11.59 1.17 1.21
N VAL C 363 -11.44 1.95 2.28
CA VAL C 363 -10.47 3.05 2.32
C VAL C 363 -9.61 2.83 3.55
N PRO C 364 -8.41 2.27 3.38
CA PRO C 364 -7.51 2.07 4.52
C PRO C 364 -7.11 3.38 5.19
N PHE C 365 -6.69 3.26 6.45
CA PHE C 365 -5.99 4.35 7.11
C PHE C 365 -4.52 4.35 6.66
N PHE C 366 -4.08 5.41 6.00
CA PHE C 366 -2.72 5.43 5.43
C PHE C 366 -1.60 5.55 6.46
N GLY C 367 -1.90 6.11 7.63
CA GLY C 367 -0.88 6.43 8.60
C GLY C 367 0.00 5.25 9.01
N ILE C 368 -0.61 4.09 9.17
CA ILE C 368 0.13 2.89 9.53
C ILE C 368 1.14 2.49 8.47
N TYR C 369 0.73 2.57 7.21
CA TYR C 369 1.63 2.28 6.10
C TYR C 369 2.86 3.20 6.12
N LEU C 370 2.63 4.48 6.40
CA LEU C 370 3.69 5.47 6.39
C LEU C 370 4.71 5.16 7.47
N THR C 371 4.22 4.91 8.67
CA THR C 371 5.09 4.59 9.79
C THR C 371 5.90 3.31 9.51
N ASN C 372 5.25 2.29 8.97
CA ASN C 372 5.94 1.04 8.64
C ASN C 372 6.95 1.19 7.52
N ILE C 373 6.64 1.98 6.50
CA ILE C 373 7.62 2.23 5.44
C ILE C 373 8.82 3.00 5.99
N LEU C 374 8.57 4.07 6.72
CA LEU C 374 9.63 4.87 7.33
C LEU C 374 10.54 4.06 8.24
N LYS C 375 9.95 3.24 9.11
CA LYS C 375 10.74 2.48 10.06
C LYS C 375 11.53 1.36 9.37
N THR C 376 10.94 0.76 8.34
CA THR C 376 11.65 -0.26 7.55
C THR C 376 12.90 0.35 6.91
N GLU C 377 12.75 1.56 6.39
CA GLU C 377 13.85 2.23 5.72
C GLU C 377 14.93 2.71 6.68
N GLU C 378 14.54 3.31 7.80
CA GLU C 378 15.52 3.81 8.76
C GLU C 378 16.11 2.68 9.60
N GLY C 379 15.39 1.57 9.75
CA GLY C 379 15.83 0.51 10.64
C GLY C 379 16.63 -0.62 10.02
N ASN C 380 16.94 -0.52 8.73
CA ASN C 380 17.69 -1.55 8.01
C ASN C 380 18.79 -0.92 7.16
N PRO C 381 19.95 -1.59 7.05
CA PRO C 381 21.06 -1.00 6.31
C PRO C 381 20.90 -1.13 4.80
N GLU C 382 21.41 -0.15 4.06
CA GLU C 382 21.36 -0.16 2.60
C GLU C 382 22.16 -1.33 2.02
N VAL C 383 23.28 -1.65 2.65
CA VAL C 383 24.14 -2.72 2.15
C VAL C 383 24.49 -3.71 3.25
N LEU C 384 24.83 -4.92 2.83
CA LEU C 384 25.40 -5.92 3.71
C LEU C 384 26.86 -6.17 3.28
N LYS C 385 27.76 -6.21 4.25
CA LYS C 385 29.16 -6.43 3.96
C LYS C 385 29.49 -7.89 4.14
N ARG C 386 29.93 -8.53 3.07
CA ARG C 386 30.24 -9.95 3.09
C ARG C 386 31.51 -10.23 2.31
N HIS C 387 32.44 -10.95 2.93
CA HIS C 387 33.71 -11.35 2.29
C HIS C 387 34.41 -10.18 1.63
N GLY C 388 34.41 -9.03 2.30
CA GLY C 388 35.04 -7.84 1.76
C GLY C 388 34.25 -7.10 0.71
N LYS C 389 33.07 -7.60 0.36
CA LYS C 389 32.24 -6.96 -0.67
C LYS C 389 31.03 -6.25 -0.06
N GLU C 390 30.53 -5.24 -0.75
CA GLU C 390 29.28 -4.61 -0.34
C GLU C 390 28.17 -5.11 -1.23
N LEU C 391 27.19 -5.79 -0.64
CA LEU C 391 26.04 -6.27 -1.39
C LEU C 391 24.83 -5.41 -1.09
N ILE C 392 24.01 -5.15 -2.10
CA ILE C 392 22.76 -4.44 -1.89
C ILE C 392 21.85 -5.26 -1.00
N ASN C 393 21.36 -4.65 0.06
CA ASN C 393 20.42 -5.33 0.94
C ASN C 393 19.05 -5.34 0.32
N PHE C 394 18.74 -6.39 -0.42
CA PHE C 394 17.48 -6.41 -1.13
C PHE C 394 16.29 -6.78 -0.25
N SER C 395 16.52 -7.51 0.84
CA SER C 395 15.39 -7.87 1.70
C SER C 395 14.73 -6.61 2.30
N LYS C 396 15.53 -5.58 2.57
CA LYS C 396 15.00 -4.30 3.00
C LYS C 396 14.02 -3.71 1.97
N ARG C 397 14.41 -3.76 0.71
CA ARG C 397 13.58 -3.26 -0.38
C ARG C 397 12.34 -4.12 -0.57
N ARG C 398 12.48 -5.44 -0.44
CA ARG C 398 11.32 -6.31 -0.53
C ARG C 398 10.28 -5.96 0.56
N LYS C 399 10.76 -5.70 1.77
CA LYS C 399 9.86 -5.30 2.85
C LYS C 399 9.09 -4.02 2.52
N VAL C 400 9.76 -3.02 1.95
CA VAL C 400 9.09 -1.80 1.56
C VAL C 400 8.04 -2.09 0.47
N ALA C 401 8.42 -2.90 -0.51
CA ALA C 401 7.53 -3.22 -1.62
C ALA C 401 6.33 -4.07 -1.20
N GLU C 402 6.48 -4.83 -0.13
CA GLU C 402 5.33 -5.55 0.41
C GLU C 402 4.29 -4.56 0.89
N ILE C 403 4.75 -3.46 1.48
CA ILE C 403 3.80 -2.46 1.99
C ILE C 403 3.17 -1.70 0.83
N THR C 404 3.98 -1.27 -0.15
CA THR C 404 3.40 -0.55 -1.27
C THR C 404 2.47 -1.48 -2.06
N GLY C 405 2.79 -2.77 -2.11
CA GLY C 405 1.96 -3.77 -2.78
C GLY C 405 0.59 -3.88 -2.12
N GLU C 406 0.55 -3.90 -0.78
CA GLU C 406 -0.71 -3.96 -0.07
CA GLU C 406 -0.71 -3.96 -0.06
C GLU C 406 -1.53 -2.70 -0.31
N ILE C 407 -0.87 -1.55 -0.28
CA ILE C 407 -1.53 -0.31 -0.60
C ILE C 407 -2.19 -0.39 -1.97
N GLN C 408 -1.43 -0.80 -2.98
CA GLN C 408 -1.95 -0.89 -4.34
C GLN C 408 -3.11 -1.87 -4.44
N GLN C 409 -3.05 -2.98 -3.71
CA GLN C 409 -4.13 -3.96 -3.75
C GLN C 409 -5.48 -3.33 -3.35
N TYR C 410 -5.49 -2.45 -2.36
CA TYR C 410 -6.76 -1.82 -1.94
C TYR C 410 -7.14 -0.62 -2.82
N GLN C 411 -6.25 -0.25 -3.74
CA GLN C 411 -6.53 0.86 -4.65
C GLN C 411 -7.28 0.41 -5.92
N ASN C 412 -7.47 -0.89 -6.10
CA ASN C 412 -8.09 -1.36 -7.33
C ASN C 412 -9.62 -1.28 -7.37
N GLN C 413 -10.26 -1.61 -6.26
CA GLN C 413 -11.72 -1.76 -6.22
C GLN C 413 -12.45 -0.42 -6.05
N PRO C 414 -13.31 -0.08 -7.02
CA PRO C 414 -14.07 1.17 -6.97
C PRO C 414 -15.37 1.03 -6.19
N TYR C 415 -15.83 2.13 -5.59
CA TYR C 415 -17.10 2.15 -4.88
C TYR C 415 -18.27 2.28 -5.85
N CYS C 416 -19.32 1.51 -5.63
CA CYS C 416 -20.53 1.63 -6.43
C CYS C 416 -21.47 2.64 -5.78
N LEU C 417 -21.09 3.92 -5.86
CA LEU C 417 -21.84 5.02 -5.28
C LEU C 417 -21.85 6.17 -6.26
N ARG C 418 -22.96 6.86 -6.37
CA ARG C 418 -23.05 7.98 -7.29
C ARG C 418 -22.49 9.26 -6.69
N VAL C 419 -21.66 9.96 -7.45
CA VAL C 419 -21.18 11.28 -7.06
C VAL C 419 -22.31 12.30 -7.09
N GLU C 420 -22.43 13.09 -6.03
CA GLU C 420 -23.27 14.28 -6.06
C GLU C 420 -22.34 15.49 -6.14
N SER C 421 -22.29 16.14 -7.30
CA SER C 421 -21.29 17.17 -7.59
C SER C 421 -21.26 18.32 -6.60
N ASP C 422 -22.43 18.79 -6.19
CA ASP C 422 -22.51 19.87 -5.21
C ASP C 422 -22.05 19.46 -3.81
N ILE C 423 -22.43 18.27 -3.37
CA ILE C 423 -22.00 17.82 -2.05
C ILE C 423 -20.49 17.56 -2.06
N LYS C 424 -20.02 16.98 -3.16
CA LYS C 424 -18.59 16.79 -3.37
C LYS C 424 -17.82 18.10 -3.24
N ARG C 425 -18.29 19.13 -3.95
CA ARG C 425 -17.66 20.45 -3.93
C ARG C 425 -17.66 21.04 -2.53
N PHE C 426 -18.77 20.90 -1.83
CA PHE C 426 -18.88 21.39 -0.47
C PHE C 426 -17.78 20.81 0.42
N PHE C 427 -17.57 19.50 0.37
CA PHE C 427 -16.54 18.90 1.19
C PHE C 427 -15.14 19.11 0.63
N GLU C 428 -15.01 19.30 -0.67
CA GLU C 428 -13.70 19.63 -1.24
C GLU C 428 -13.24 21.01 -0.77
N ASN C 429 -14.18 21.93 -0.62
CA ASN C 429 -13.88 23.31 -0.24
C ASN C 429 -13.96 23.58 1.26
N LEU C 430 -14.26 22.56 2.05
CA LEU C 430 -14.29 22.72 3.51
C LEU C 430 -12.97 23.28 4.02
N ASN C 431 -13.06 24.34 4.81
CA ASN C 431 -11.87 24.98 5.33
C ASN C 431 -12.11 25.54 6.73
N PRO C 432 -12.24 24.64 7.73
CA PRO C 432 -12.57 25.04 9.09
C PRO C 432 -11.62 26.05 9.70
N MET C 433 -10.33 26.01 9.36
CA MET C 433 -9.37 26.94 9.97
C MET C 433 -9.45 28.34 9.39
N GLY C 434 -10.11 28.49 8.25
CA GLY C 434 -10.15 29.79 7.60
C GLY C 434 -8.75 30.29 7.29
N ASN C 435 -8.45 31.52 7.68
CA ASN C 435 -7.12 32.10 7.48
C ASN C 435 -6.23 31.95 8.68
N SER C 436 -6.71 31.25 9.71
CA SER C 436 -5.95 31.11 10.95
C SER C 436 -4.85 30.08 10.84
N MET C 437 -3.73 30.33 11.50
CA MET C 437 -2.70 29.33 11.66
C MET C 437 -3.17 28.23 12.61
N GLU C 438 -2.50 27.07 12.56
CA GLU C 438 -2.89 25.89 13.32
C GLU C 438 -3.01 26.13 14.83
N LYS C 439 -1.99 26.71 15.44
CA LYS C 439 -1.99 26.89 16.88
C LYS C 439 -3.11 27.84 17.32
N GLU C 440 -3.26 28.93 16.59
CA GLU C 440 -4.32 29.90 16.80
C GLU C 440 -5.70 29.23 16.76
N PHE C 441 -5.94 28.46 15.70
CA PHE C 441 -7.21 27.75 15.56
C PHE C 441 -7.43 26.71 16.65
N THR C 442 -6.37 25.94 16.92
CA THR C 442 -6.36 24.90 17.93
C THR C 442 -6.67 25.47 19.34
N ASP C 443 -6.07 26.61 19.65
CA ASP C 443 -6.32 27.27 20.93
C ASP C 443 -7.75 27.80 20.98
N TYR C 444 -8.22 28.31 19.86
CA TYR C 444 -9.59 28.78 19.74
C TYR C 444 -10.59 27.66 20.09
N LEU C 445 -10.40 26.49 19.53
CA LEU C 445 -11.29 25.36 19.78
C LEU C 445 -11.30 24.98 21.25
N PHE C 446 -10.12 24.94 21.86
CA PHE C 446 -10.04 24.57 23.27
C PHE C 446 -10.69 25.65 24.16
N ASN C 447 -10.55 26.91 23.79
CA ASN C 447 -11.18 27.97 24.56
C ASN C 447 -12.69 27.93 24.42
N LYS C 448 -13.18 27.59 23.24
CA LYS C 448 -14.61 27.36 23.05
C LYS C 448 -15.09 26.25 23.96
N SER C 449 -14.33 25.16 24.01
CA SER C 449 -14.65 24.03 24.88
C SER C 449 -14.79 24.49 26.33
N LEU C 450 -13.82 25.28 26.79
CA LEU C 450 -13.83 25.81 28.14
C LEU C 450 -15.02 26.73 28.39
N GLU C 451 -15.41 27.49 27.37
CA GLU C 451 -16.56 28.38 27.47
C GLU C 451 -17.86 27.61 27.66
N ILE C 452 -18.08 26.60 26.82
CA ILE C 452 -19.37 25.91 26.79
C ILE C 452 -19.53 24.91 27.94
N GLU C 453 -18.42 24.41 28.47
CA GLU C 453 -18.44 23.49 29.60
C GLU C 453 -17.23 23.80 30.47
N PRO C 454 -17.35 24.82 31.34
CA PRO C 454 -16.24 25.29 32.17
C PRO C 454 -15.71 24.20 33.08
N ARG C 455 -14.43 24.29 33.46
CA ARG C 455 -13.85 23.37 34.43
C ARG C 455 -14.55 23.41 35.77
N ASN C 456 -14.77 22.26 36.39
CA ASN C 456 -15.20 22.22 37.77
C ASN C 456 -14.24 23.04 38.63
N PRO C 457 -14.76 23.79 39.61
CA PRO C 457 -16.16 23.80 40.03
C PRO C 457 -16.99 24.92 39.42
N LYS C 458 -16.54 25.53 38.33
CA LYS C 458 -17.34 26.58 37.70
C LYS C 458 -18.66 25.97 37.26
N PRO C 459 -19.75 26.74 37.45
CA PRO C 459 -21.08 26.22 37.11
C PRO C 459 -21.32 26.16 35.61
N LEU C 460 -22.17 25.24 35.18
CA LEU C 460 -22.47 25.09 33.76
C LEU C 460 -23.46 26.16 33.30
N PRO C 461 -23.01 27.04 32.39
CA PRO C 461 -23.90 28.07 31.86
C PRO C 461 -24.91 27.51 30.89
N ARG C 462 -25.86 28.34 30.52
CA ARG C 462 -26.81 28.05 29.45
C ARG C 462 -26.52 28.96 28.28
N PHE C 463 -26.88 28.44 27.10
CA PHE C 463 -26.65 29.15 25.85
C PHE C 463 -27.86 29.06 24.95
N PRO C 464 -28.10 30.11 24.16
CA PRO C 464 -29.21 30.13 23.19
C PRO C 464 -28.99 29.15 22.03
N LYS C 465 -30.08 28.67 21.47
CA LYS C 465 -30.03 27.79 20.31
C LYS C 465 -29.60 28.56 19.08
N LYS C 466 -28.89 27.91 18.16
CA LYS C 466 -28.43 28.56 16.95
C LYS C 466 -29.07 28.00 15.69
N TYR C 467 -29.66 26.81 15.77
CA TYR C 467 -30.23 26.20 14.58
C TYR C 467 -31.74 26.42 14.52
N SER C 468 -32.24 26.89 13.39
CA SER C 468 -33.66 27.17 13.24
C SER C 468 -34.44 25.99 12.66
N TYR C 469 -33.72 24.98 12.17
CA TYR C 469 -34.35 23.83 11.54
C TYR C 469 -34.44 22.65 12.52
N PRO C 470 -35.27 21.63 12.21
CA PRO C 470 -35.37 20.49 13.13
C PRO C 470 -34.04 19.78 13.35
N LEU C 471 -33.77 19.36 14.58
CA LEU C 471 -32.54 18.65 14.93
C LEU C 471 -32.68 17.14 14.78
N LYS C 472 -33.90 16.67 14.62
CA LYS C 472 -34.14 15.23 14.53
C LYS C 472 -33.45 14.61 13.30
N SER C 473 -32.61 13.63 13.52
CA SER C 473 -31.94 12.93 12.42
C SER C 473 -32.90 12.08 11.60
N PRO C 474 -32.71 12.05 10.28
CA PRO C 474 -33.49 11.10 9.47
C PRO C 474 -32.99 9.65 9.59
N GLY C 475 -31.96 9.42 10.37
CA GLY C 475 -31.41 8.09 10.52
C GLY C 475 -30.48 7.65 9.41
N VAL C 476 -29.82 6.53 9.60
CA VAL C 476 -28.86 6.07 8.64
C VAL C 476 -29.21 4.80 7.90
N ARG C 477 -30.47 4.41 7.96
CA ARG C 477 -30.95 3.32 7.14
C ARG C 477 -31.48 3.87 5.81
N PRO C 478 -30.93 3.28 4.66
CA PRO C 478 -31.32 3.89 3.39
C PRO C 478 -32.78 3.67 2.97
N SER C 479 -33.29 4.59 2.19
CA SER C 479 -34.61 4.52 1.60
C SER C 479 -34.57 4.12 0.12
N ASN C 480 -35.66 3.56 -0.35
CA ASN C 480 -35.77 3.14 -1.72
C ASN C 480 -37.19 3.22 -2.32
N PRO C 481 -37.46 4.46 -2.91
CA PRO C 481 -38.74 4.51 -3.63
C PRO C 481 -38.58 3.86 -4.99
N ARG C 482 -39.68 3.55 -5.65
CA ARG C 482 -39.63 2.77 -6.87
C ARG C 482 -38.80 3.50 -7.95
#